data_4ZQF
#
_entry.id   4ZQF
#
_cell.length_a   66.550
_cell.length_b   66.550
_cell.length_c   389.479
_cell.angle_alpha   90.00
_cell.angle_beta   90.00
_cell.angle_gamma   120.00
#
_symmetry.space_group_name_H-M   'P 65'
#
loop_
_entity.id
_entity.type
_entity.pdbx_description
1 polymer '1-deoxy-D-xylulose 5-phosphate reductoisomerase'
2 non-polymer 'MAGNESIUM ION'
3 non-polymer '3-[FORMYL(HYDROXY)AMINO]PROPYLPHOSPHONIC ACID'
4 water water
#
_entity_poly.entity_id   1
_entity_poly.type   'polypeptide(L)'
_entity_poly.pdbx_seq_one_letter_code
;MAHHHHHHSSGLEVLFQGPADTLQSLAILGATGSIGDSTLAIIRQHPNRYRIHALTGFSRVDKLLALAMEFHPVKICTSP
DNYAQLSQKVTDAGLDTIILSGDEGLIEIASDEAVDTVVAAIVGAAGLSSTLAAAGAGKRILLANKESLVMAGDLVIKTA
KKHGATILPIDSEHNAIYQCLPAAIQADNTAIHHTSYGIKKLWLTASGGSFLDKSIKQMQNASVKEAVNHPNWSMGQKIS
IDSATMMNKGLELIEACHLFDLKEHQIQVVIHPNSVVHSLVEYVDGSFLAQLGTPDMKTPIAHALAYPERIKSGVMPLDL
YQLGSLKFLAPDLDKFACLKLARYAARLGTGACIALNTANEIAVEAFLAEKICLTDIAVIVKACLDDKTIAQDYSQDFGD
EVLGLERILTMDKKVRKIATAKIKLLKQGDVL
;
_entity_poly.pdbx_strand_id   A,B
#
# COMPACT_ATOMS: atom_id res chain seq x y z
N LEU A 23 -20.46 13.35 18.55
CA LEU A 23 -19.22 13.98 17.99
C LEU A 23 -17.99 13.60 18.80
N GLN A 24 -16.95 14.43 18.73
CA GLN A 24 -15.66 14.19 19.34
C GLN A 24 -15.04 15.52 19.71
N SER A 25 -14.79 15.72 20.98
CA SER A 25 -14.17 16.95 21.50
C SER A 25 -12.66 16.96 21.30
N LEU A 26 -12.14 17.97 20.63
CA LEU A 26 -10.71 18.05 20.30
C LEU A 26 -9.93 19.14 21.03
N ALA A 27 -8.65 18.88 21.30
CA ALA A 27 -7.72 19.92 21.76
C ALA A 27 -6.51 19.95 20.87
N ILE A 28 -6.17 21.11 20.28
CA ILE A 28 -5.02 21.24 19.44
C ILE A 28 -3.94 22.01 20.20
N LEU A 29 -2.88 21.31 20.55
CA LEU A 29 -1.76 21.87 21.18
C LEU A 29 -0.84 22.30 20.06
N GLY A 30 -0.59 23.59 19.95
CA GLY A 30 0.25 24.15 18.88
C GLY A 30 -0.56 24.35 17.61
N ALA A 31 -1.54 25.24 17.70
CA ALA A 31 -2.58 25.37 16.71
C ALA A 31 -2.31 26.44 15.65
N THR A 32 -1.24 27.21 15.75
CA THR A 32 -1.04 28.37 14.87
C THR A 32 -0.03 28.14 13.72
N GLY A 33 0.39 26.90 13.56
CA GLY A 33 1.29 26.53 12.48
C GLY A 33 0.57 25.65 11.48
N SER A 34 1.37 24.92 10.73
CA SER A 34 0.89 24.18 9.54
C SER A 34 -0.11 23.16 9.93
N ILE A 35 0.27 22.43 10.96
CA ILE A 35 -0.51 21.31 11.40
C ILE A 35 -1.86 21.83 11.86
N GLY A 36 -1.83 22.94 12.59
CA GLY A 36 -3.08 23.61 12.98
C GLY A 36 -4.00 24.02 11.82
N ASP A 37 -3.46 24.77 10.85
CA ASP A 37 -4.22 25.12 9.61
C ASP A 37 -4.93 23.93 8.95
N SER A 38 -4.16 22.86 8.70
CA SER A 38 -4.62 21.72 7.99
C SER A 38 -5.71 21.04 8.74
N THR A 39 -5.50 20.89 10.04
CA THR A 39 -6.45 20.24 10.88
C THR A 39 -7.76 21.00 10.94
N LEU A 40 -7.65 22.30 11.16
CA LEU A 40 -8.84 23.15 11.29
C LEU A 40 -9.59 23.20 9.96
N ALA A 41 -8.88 23.17 8.84
CA ALA A 41 -9.58 23.10 7.53
C ALA A 41 -10.51 21.89 7.44
N ILE A 42 -10.08 20.76 7.96
CA ILE A 42 -10.89 19.54 7.93
C ILE A 42 -12.11 19.66 8.84
N ILE A 43 -11.85 20.21 10.04
CA ILE A 43 -12.90 20.49 11.04
C ILE A 43 -14.03 21.32 10.40
N ARG A 44 -13.68 22.33 9.60
CA ARG A 44 -14.68 23.20 9.00
C ARG A 44 -15.54 22.38 8.07
N GLN A 45 -14.91 21.54 7.24
CA GLN A 45 -15.65 20.68 6.32
C GLN A 45 -16.44 19.61 7.10
N HIS A 46 -16.10 19.39 8.35
CA HIS A 46 -16.80 18.39 9.13
C HIS A 46 -17.31 18.98 10.44
N PRO A 47 -18.31 19.89 10.36
CA PRO A 47 -18.81 20.48 11.62
C PRO A 47 -19.44 19.42 12.51
N ASN A 48 -20.16 18.52 11.89
CA ASN A 48 -20.95 17.54 12.60
C ASN A 48 -20.15 16.48 13.34
N ARG A 49 -18.84 16.37 13.08
CA ARG A 49 -18.02 15.29 13.66
C ARG A 49 -17.09 15.75 14.77
N TYR A 50 -16.53 16.94 14.63
CA TYR A 50 -15.46 17.38 15.50
C TYR A 50 -15.73 18.79 16.02
N ARG A 51 -15.78 18.92 17.34
CA ARG A 51 -15.96 20.20 18.03
C ARG A 51 -14.64 20.53 18.67
N ILE A 52 -14.26 21.80 18.64
CA ILE A 52 -13.04 22.27 19.24
C ILE A 52 -13.38 22.64 20.65
N HIS A 53 -12.61 22.10 21.60
CA HIS A 53 -12.73 22.41 23.01
C HIS A 53 -11.61 23.33 23.37
N ALA A 54 -10.41 23.11 22.83
CA ALA A 54 -9.27 23.95 23.22
C ALA A 54 -8.31 24.11 22.10
N LEU A 55 -7.57 25.22 22.11
CA LEU A 55 -6.50 25.47 21.17
C LEU A 55 -5.37 26.14 21.91
N THR A 56 -4.13 25.92 21.53
CA THR A 56 -3.05 26.66 22.19
C THR A 56 -2.09 27.32 21.20
N GLY A 57 -1.29 28.28 21.69
CA GLY A 57 -0.26 28.97 20.91
C GLY A 57 0.65 29.86 21.74
N PHE A 58 1.89 29.47 21.82
CA PHE A 58 2.87 30.12 22.65
C PHE A 58 3.19 31.56 22.25
N SER A 59 3.26 31.84 20.94
CA SER A 59 3.71 33.15 20.42
C SER A 59 2.68 33.92 19.61
N ARG A 60 1.95 33.21 18.75
CA ARG A 60 1.09 33.86 17.75
C ARG A 60 -0.29 34.18 18.34
N VAL A 61 -0.30 35.27 19.12
CA VAL A 61 -1.43 35.64 19.96
C VAL A 61 -2.65 36.06 19.16
N ASP A 62 -2.39 36.82 18.09
CA ASP A 62 -3.48 37.34 17.26
C ASP A 62 -4.14 36.21 16.47
N LYS A 63 -3.31 35.32 15.94
CA LYS A 63 -3.84 34.18 15.18
C LYS A 63 -4.61 33.30 16.11
N LEU A 64 -3.97 33.01 17.23
CA LEU A 64 -4.67 32.29 18.32
C LEU A 64 -6.01 32.96 18.62
N LEU A 65 -5.98 34.28 18.76
CA LEU A 65 -7.22 35.01 18.98
C LEU A 65 -8.26 34.84 17.86
N ALA A 66 -7.78 35.02 16.62
CA ALA A 66 -8.64 34.84 15.40
C ALA A 66 -9.31 33.48 15.42
N LEU A 67 -8.48 32.46 15.70
CA LEU A 67 -8.99 31.08 15.80
C LEU A 67 -10.04 30.98 16.91
N ALA A 68 -9.70 31.51 18.08
CA ALA A 68 -10.66 31.53 19.19
C ALA A 68 -12.01 32.16 18.79
N MET A 69 -11.95 33.33 18.14
CA MET A 69 -13.18 34.03 17.68
C MET A 69 -14.02 33.21 16.69
N GLU A 70 -13.33 32.37 15.91
CA GLU A 70 -14.02 31.52 14.95
C GLU A 70 -14.69 30.28 15.59
N PHE A 71 -13.91 29.49 16.35
CA PHE A 71 -14.37 28.15 16.77
C PHE A 71 -14.93 28.14 18.17
N HIS A 72 -14.79 29.25 18.88
CA HIS A 72 -15.37 29.42 20.20
C HIS A 72 -14.96 28.30 21.16
N PRO A 73 -13.66 28.12 21.31
CA PRO A 73 -13.14 27.06 22.16
C PRO A 73 -13.49 27.30 23.61
N VAL A 74 -13.75 26.24 24.38
CA VAL A 74 -13.91 26.38 25.82
C VAL A 74 -12.63 26.83 26.54
N LYS A 75 -11.43 26.55 26.02
CA LYS A 75 -10.16 27.03 26.64
C LYS A 75 -9.09 27.36 25.61
N ILE A 76 -8.20 28.28 25.93
CA ILE A 76 -6.99 28.47 25.15
C ILE A 76 -5.80 28.63 26.06
N CYS A 77 -4.57 28.55 25.55
CA CYS A 77 -3.37 28.71 26.41
C CYS A 77 -2.31 29.34 25.57
N THR A 78 -1.44 30.09 26.24
CA THR A 78 -0.36 30.77 25.58
C THR A 78 0.78 30.80 26.57
N SER A 79 1.86 31.49 26.22
CA SER A 79 3.02 31.58 27.10
C SER A 79 2.70 32.44 28.31
N PRO A 80 3.59 32.40 29.33
CA PRO A 80 3.38 33.23 30.52
C PRO A 80 3.50 34.72 30.20
N ASP A 81 4.52 35.10 29.42
CA ASP A 81 4.68 36.48 28.97
C ASP A 81 3.46 37.08 28.24
N ASN A 82 2.70 36.29 27.49
CA ASN A 82 1.60 36.80 26.65
C ASN A 82 0.20 36.66 27.32
N TYR A 83 0.17 36.13 28.54
CA TYR A 83 -1.11 35.79 29.18
C TYR A 83 -2.01 37.02 29.35
N ALA A 84 -1.38 38.10 29.81
CA ALA A 84 -2.12 39.33 30.13
C ALA A 84 -2.69 39.98 28.87
N GLN A 85 -1.83 40.22 27.89
CA GLN A 85 -2.31 40.80 26.63
C GLN A 85 -3.41 39.92 26.03
N LEU A 86 -3.17 38.64 25.98
CA LEU A 86 -4.18 37.75 25.44
C LEU A 86 -5.50 37.81 26.21
N SER A 87 -5.44 37.81 27.55
CA SER A 87 -6.68 37.93 28.35
C SER A 87 -7.37 39.25 28.08
N GLN A 88 -6.60 40.31 27.97
CA GLN A 88 -7.18 41.63 27.70
C GLN A 88 -7.90 41.54 26.35
N LYS A 89 -7.18 41.05 25.32
CA LYS A 89 -7.79 40.87 23.97
C LYS A 89 -9.02 39.99 23.96
N VAL A 90 -8.95 38.87 24.66
CA VAL A 90 -10.09 37.99 24.72
C VAL A 90 -11.30 38.68 25.32
N THR A 91 -11.09 39.54 26.31
CA THR A 91 -12.23 40.28 26.89
C THR A 91 -12.65 41.40 25.98
N ASP A 92 -11.72 42.19 25.47
CA ASP A 92 -12.10 43.21 24.46
C ASP A 92 -12.99 42.62 23.32
N ALA A 93 -12.86 41.30 23.03
CA ALA A 93 -13.76 40.60 22.07
C ALA A 93 -15.05 39.95 22.60
N GLY A 94 -15.34 40.05 23.88
CA GLY A 94 -16.61 39.53 24.39
C GLY A 94 -16.73 38.02 24.32
N LEU A 95 -15.63 37.32 24.57
CA LEU A 95 -15.55 35.88 24.37
C LEU A 95 -15.65 35.11 25.71
N ASP A 96 -16.47 34.05 25.73
CA ASP A 96 -16.63 33.20 26.91
C ASP A 96 -15.38 32.38 27.33
N THR A 97 -14.31 32.46 26.53
CA THR A 97 -13.25 31.48 26.61
C THR A 97 -12.29 31.69 27.80
N ILE A 98 -11.98 30.59 28.49
CA ILE A 98 -10.99 30.58 29.55
C ILE A 98 -9.59 30.67 28.98
N ILE A 99 -8.75 31.49 29.58
CA ILE A 99 -7.36 31.66 29.16
C ILE A 99 -6.45 30.99 30.16
N LEU A 100 -5.60 30.06 29.69
CA LEU A 100 -4.57 29.40 30.52
C LEU A 100 -3.18 29.90 30.12
N SER A 101 -2.12 29.49 30.82
CA SER A 101 -0.78 29.78 30.30
C SER A 101 0.25 28.78 30.78
N GLY A 102 1.38 28.77 30.08
CA GLY A 102 2.55 27.92 30.43
C GLY A 102 2.37 26.41 30.46
N ASP A 103 3.41 25.76 31.00
CA ASP A 103 3.40 24.31 31.26
C ASP A 103 2.10 23.82 31.85
N GLU A 104 1.68 24.44 32.95
CA GLU A 104 0.45 24.04 33.69
C GLU A 104 -0.79 24.04 32.83
N GLY A 105 -0.89 25.04 31.95
CA GLY A 105 -2.11 25.20 31.14
C GLY A 105 -2.19 24.14 30.07
N LEU A 106 -1.06 23.82 29.49
CA LEU A 106 -0.98 22.71 28.55
C LEU A 106 -1.43 21.39 29.17
N ILE A 107 -0.98 21.14 30.40
CA ILE A 107 -1.30 19.89 31.11
C ILE A 107 -2.79 19.80 31.40
N GLU A 108 -3.34 20.90 31.88
CA GLU A 108 -4.76 20.96 32.15
C GLU A 108 -5.55 20.62 30.91
N ILE A 109 -5.16 21.24 29.77
CA ILE A 109 -5.91 21.04 28.50
C ILE A 109 -5.73 19.60 28.05
N ALA A 110 -4.51 19.11 28.05
CA ALA A 110 -4.29 17.72 27.66
C ALA A 110 -4.96 16.68 28.58
N SER A 111 -5.19 16.97 29.87
CA SER A 111 -5.81 15.95 30.79
C SER A 111 -7.29 16.17 31.07
N ASP A 112 -7.84 17.19 30.44
CA ASP A 112 -9.20 17.62 30.64
C ASP A 112 -10.16 16.51 30.28
N GLU A 113 -11.13 16.25 31.17
CA GLU A 113 -12.10 15.21 31.00
C GLU A 113 -13.08 15.51 29.86
N ALA A 114 -13.19 16.77 29.47
CA ALA A 114 -14.11 17.12 28.38
C ALA A 114 -13.49 16.94 26.98
N VAL A 115 -12.18 16.66 26.92
CA VAL A 115 -11.42 16.42 25.71
C VAL A 115 -11.32 14.94 25.41
N ASP A 116 -11.71 14.53 24.20
CA ASP A 116 -11.64 13.13 23.78
C ASP A 116 -10.38 12.87 23.02
N THR A 117 -9.90 13.85 22.25
CA THR A 117 -8.81 13.63 21.32
C THR A 117 -7.83 14.78 21.39
N VAL A 118 -6.53 14.49 21.42
CA VAL A 118 -5.54 15.55 21.50
C VAL A 118 -4.63 15.49 20.29
N VAL A 119 -4.32 16.64 19.70
CA VAL A 119 -3.44 16.77 18.55
C VAL A 119 -2.19 17.45 19.02
N ALA A 120 -1.14 16.68 19.25
CA ALA A 120 0.08 17.15 19.83
C ALA A 120 0.95 17.73 18.76
N ALA A 121 0.85 19.04 18.54
CA ALA A 121 1.58 19.69 17.44
C ALA A 121 2.54 20.69 17.93
N ILE A 122 2.82 20.70 19.22
CA ILE A 122 3.84 21.58 19.76
C ILE A 122 5.19 20.97 19.45
N VAL A 123 6.10 21.76 18.91
CA VAL A 123 7.44 21.26 18.56
C VAL A 123 8.33 21.69 19.69
N GLY A 124 9.19 20.81 20.15
CA GLY A 124 10.26 21.19 21.10
C GLY A 124 10.02 20.52 22.44
N ALA A 125 11.05 20.53 23.29
CA ALA A 125 10.99 19.84 24.58
C ALA A 125 9.85 20.34 25.46
N ALA A 126 9.34 21.55 25.19
CA ALA A 126 8.29 22.15 26.00
C ALA A 126 6.95 21.41 25.86
N GLY A 127 6.86 20.51 24.87
CA GLY A 127 5.63 19.77 24.60
C GLY A 127 5.48 18.44 25.31
N LEU A 128 6.54 17.95 25.95
CA LEU A 128 6.52 16.56 26.43
C LEU A 128 5.51 16.36 27.51
N SER A 129 5.42 17.32 28.42
CA SER A 129 4.64 17.12 29.63
C SER A 129 3.20 17.00 29.25
N SER A 130 2.76 17.74 28.21
CA SER A 130 1.32 17.67 27.82
C SER A 130 1.00 16.39 27.05
N THR A 131 1.93 15.92 26.24
CA THR A 131 1.76 14.65 25.58
C THR A 131 1.70 13.51 26.61
N LEU A 132 2.63 13.52 27.56
CA LEU A 132 2.58 12.55 28.67
C LEU A 132 1.28 12.61 29.43
N ALA A 133 0.77 13.83 29.63
CA ALA A 133 -0.52 14.05 30.30
C ALA A 133 -1.69 13.51 29.52
N ALA A 134 -1.74 13.80 28.23
CA ALA A 134 -2.78 13.19 27.40
C ALA A 134 -2.73 11.65 27.54
N ALA A 135 -1.50 11.10 27.55
CA ALA A 135 -1.32 9.67 27.72
C ALA A 135 -1.82 9.17 29.04
N GLY A 136 -1.46 9.89 30.11
CA GLY A 136 -1.86 9.59 31.47
C GLY A 136 -3.37 9.54 31.58
N ALA A 137 -4.04 10.44 30.88
CA ALA A 137 -5.50 10.50 30.97
C ALA A 137 -6.24 9.61 30.00
N GLY A 138 -5.57 8.70 29.31
CA GLY A 138 -6.26 7.80 28.35
C GLY A 138 -6.76 8.46 27.04
N LYS A 139 -6.10 9.52 26.57
CA LYS A 139 -6.66 10.23 25.44
C LYS A 139 -6.22 9.62 24.11
N ARG A 140 -7.04 9.78 23.09
CA ARG A 140 -6.59 9.55 21.72
C ARG A 140 -5.63 10.66 21.41
N ILE A 141 -4.47 10.31 20.87
CA ILE A 141 -3.47 11.30 20.59
C ILE A 141 -3.10 11.24 19.14
N LEU A 142 -3.13 12.38 18.47
CA LEU A 142 -2.69 12.44 17.09
C LEU A 142 -1.38 13.13 17.16
N LEU A 143 -0.32 12.35 17.04
CA LEU A 143 1.00 12.83 17.35
C LEU A 143 1.63 13.52 16.18
N ALA A 144 2.08 14.76 16.38
CA ALA A 144 2.59 15.58 15.30
C ALA A 144 3.79 16.42 15.70
N ASN A 145 4.62 15.84 16.55
CA ASN A 145 5.92 16.41 16.83
C ASN A 145 6.87 15.24 17.06
N LYS A 146 8.14 15.45 16.76
CA LYS A 146 9.12 14.39 16.84
C LYS A 146 9.59 14.17 18.27
N GLU A 147 9.58 15.22 19.09
CA GLU A 147 10.17 15.16 20.43
C GLU A 147 9.54 14.15 21.36
N SER A 148 8.22 14.01 21.32
CA SER A 148 7.54 13.06 22.21
C SER A 148 8.22 11.69 22.24
N LEU A 149 8.56 11.16 21.08
CA LEU A 149 9.15 9.83 21.04
C LEU A 149 10.66 9.88 20.90
N VAL A 150 11.21 10.90 20.26
CA VAL A 150 12.68 10.99 20.18
C VAL A 150 13.29 11.19 21.60
N MET A 151 12.64 12.07 22.38
CA MET A 151 13.15 12.43 23.70
C MET A 151 12.58 11.57 24.81
N ALA A 152 11.31 11.15 24.67
CA ALA A 152 10.58 10.44 25.77
C ALA A 152 9.96 9.13 25.34
N GLY A 153 10.60 8.53 24.36
CA GLY A 153 10.17 7.27 23.77
C GLY A 153 9.52 6.26 24.68
N ASP A 154 10.30 5.67 25.61
CA ASP A 154 9.79 4.52 26.40
C ASP A 154 8.70 5.02 27.29
N LEU A 155 8.89 6.23 27.80
CA LEU A 155 7.97 6.78 28.81
C LEU A 155 6.64 7.01 28.14
N VAL A 156 6.64 7.67 26.98
CA VAL A 156 5.37 7.93 26.30
C VAL A 156 4.63 6.62 26.03
N ILE A 157 5.35 5.65 25.46
CA ILE A 157 4.66 4.42 25.07
C ILE A 157 4.17 3.66 26.29
N LYS A 158 5.00 3.57 27.35
CA LYS A 158 4.61 2.87 28.59
C LYS A 158 3.38 3.51 29.20
N THR A 159 3.39 4.82 29.24
CA THR A 159 2.30 5.56 29.86
C THR A 159 0.99 5.35 29.09
N ALA A 160 1.07 5.40 27.76
CA ALA A 160 -0.11 5.17 26.92
C ALA A 160 -0.74 3.81 27.14
N LYS A 161 0.09 2.76 27.20
CA LYS A 161 -0.40 1.36 27.40
C LYS A 161 -1.07 1.21 28.71
N LYS A 162 -0.40 1.70 29.73
CA LYS A 162 -0.88 1.53 31.10
C LYS A 162 -2.30 2.10 31.23
N HIS A 163 -2.52 3.26 30.60
CA HIS A 163 -3.75 4.01 30.78
C HIS A 163 -4.71 3.95 29.60
N GLY A 164 -4.27 3.33 28.51
CA GLY A 164 -5.15 3.09 27.39
C GLY A 164 -5.34 4.30 26.50
N ALA A 165 -4.31 5.12 26.37
CA ALA A 165 -4.29 6.11 25.30
C ALA A 165 -4.10 5.37 23.98
N THR A 166 -4.47 6.00 22.87
CA THR A 166 -4.26 5.51 21.54
C THR A 166 -3.39 6.51 20.78
N ILE A 167 -2.30 6.07 20.19
CA ILE A 167 -1.48 6.98 19.45
C ILE A 167 -1.60 6.70 17.99
N LEU A 168 -1.68 7.76 17.20
CA LEU A 168 -1.86 7.69 15.76
C LEU A 168 -1.01 8.74 15.16
N PRO A 169 -0.02 8.34 14.36
CA PRO A 169 0.94 9.31 13.88
C PRO A 169 0.35 10.11 12.72
N ILE A 170 0.81 11.36 12.60
CA ILE A 170 0.31 12.31 11.58
C ILE A 170 1.39 12.67 10.61
N ASP A 171 2.65 12.61 11.03
CA ASP A 171 3.71 12.86 10.10
C ASP A 171 3.53 11.85 8.98
N SER A 172 3.80 12.33 7.79
CA SER A 172 3.51 11.64 6.54
C SER A 172 4.08 10.21 6.43
N GLU A 173 5.33 10.02 6.84
CA GLU A 173 6.00 8.73 6.78
C GLU A 173 5.42 7.71 7.71
N HIS A 174 5.29 8.08 8.98
CA HIS A 174 4.77 7.19 9.97
C HIS A 174 3.32 6.82 9.71
N ASN A 175 2.56 7.80 9.23
CA ASN A 175 1.18 7.58 8.89
C ASN A 175 1.05 6.60 7.72
N ALA A 176 1.87 6.72 6.69
CA ALA A 176 1.91 5.77 5.56
C ALA A 176 2.22 4.36 6.03
N ILE A 177 3.20 4.23 6.91
CA ILE A 177 3.54 2.93 7.47
C ILE A 177 2.36 2.39 8.25
N TYR A 178 1.76 3.23 9.06
CA TYR A 178 0.66 2.81 9.90
C TYR A 178 -0.52 2.32 8.99
N GLN A 179 -0.70 2.96 7.84
CA GLN A 179 -1.87 2.63 6.98
C GLN A 179 -1.59 1.31 6.31
N CYS A 180 -0.31 1.01 6.11
CA CYS A 180 0.12 -0.17 5.41
C CYS A 180 0.37 -1.39 6.34
N LEU A 181 -0.03 -1.30 7.60
CA LEU A 181 0.13 -2.37 8.59
C LEU A 181 -1.25 -2.92 8.93
N PRO A 182 -1.39 -4.23 9.18
CA PRO A 182 -2.70 -4.82 9.42
C PRO A 182 -3.34 -4.26 10.63
N ALA A 183 -4.66 -4.41 10.73
CA ALA A 183 -5.41 -3.77 11.80
C ALA A 183 -4.92 -4.18 13.17
N ALA A 184 -4.54 -5.43 13.36
CA ALA A 184 -4.15 -5.89 14.72
C ALA A 184 -2.88 -5.21 15.23
N ILE A 185 -1.99 -4.91 14.30
CA ILE A 185 -0.71 -4.25 14.63
C ILE A 185 -0.92 -2.74 14.78
N GLN A 186 -1.82 -2.16 13.98
CA GLN A 186 -2.29 -0.77 14.21
C GLN A 186 -2.84 -0.59 15.60
N ALA A 187 -3.66 -1.53 16.06
CA ALA A 187 -4.28 -1.43 17.39
C ALA A 187 -3.29 -1.74 18.51
N ASP A 188 -2.41 -2.73 18.32
CA ASP A 188 -1.43 -3.10 19.36
C ASP A 188 -0.08 -3.24 18.65
N ASN A 189 0.77 -2.25 18.78
CA ASN A 189 2.01 -2.25 18.07
C ASN A 189 2.96 -3.45 18.45
N THR A 190 2.75 -4.08 19.61
CA THR A 190 3.62 -5.23 20.02
C THR A 190 3.30 -6.47 19.24
N ALA A 191 2.13 -6.48 18.61
CA ALA A 191 1.75 -7.56 17.72
C ALA A 191 2.69 -7.72 16.55
N ILE A 192 3.40 -6.67 16.17
CA ILE A 192 4.37 -6.78 15.06
C ILE A 192 5.40 -7.92 15.23
N HIS A 193 5.52 -8.42 16.46
CA HIS A 193 6.40 -9.58 16.80
C HIS A 193 5.80 -10.97 16.60
N HIS A 194 4.47 -11.12 16.58
N HIS A 194 4.47 -11.12 16.58
CA HIS A 194 3.90 -12.40 16.15
CA HIS A 194 3.87 -12.36 16.16
C HIS A 194 4.22 -12.61 14.67
C HIS A 194 4.22 -12.60 14.67
N THR A 195 4.90 -13.72 14.36
CA THR A 195 5.39 -13.99 13.00
C THR A 195 4.34 -14.19 11.91
N SER A 196 3.14 -14.64 12.30
CA SER A 196 1.98 -14.75 11.38
C SER A 196 1.64 -13.50 10.55
N TYR A 197 1.86 -12.29 11.08
CA TYR A 197 1.57 -11.04 10.33
C TYR A 197 2.64 -10.79 9.31
N GLY A 198 3.77 -11.44 9.51
CA GLY A 198 4.80 -11.53 8.49
C GLY A 198 5.36 -10.20 8.10
N ILE A 199 5.56 -9.32 9.09
CA ILE A 199 6.24 -8.07 8.80
C ILE A 199 7.71 -8.35 8.78
N LYS A 200 8.38 -7.97 7.72
CA LYS A 200 9.80 -8.18 7.60
C LYS A 200 10.64 -6.96 7.97
N LYS A 201 10.31 -5.83 7.36
CA LYS A 201 10.95 -4.55 7.73
C LYS A 201 10.14 -3.34 7.28
N LEU A 202 10.44 -2.18 7.86
CA LEU A 202 9.81 -0.93 7.45
C LEU A 202 10.80 -0.17 6.59
N TRP A 203 10.31 0.64 5.70
CA TRP A 203 11.15 1.46 4.84
C TRP A 203 10.67 2.91 4.90
N LEU A 204 11.58 3.81 5.29
CA LEU A 204 11.31 5.23 5.29
C LEU A 204 11.83 5.79 4.02
N THR A 205 11.03 6.60 3.34
CA THR A 205 11.53 7.36 2.20
C THR A 205 11.96 8.76 2.60
N ALA A 206 12.98 9.23 1.93
CA ALA A 206 13.54 10.50 2.18
C ALA A 206 13.88 11.20 0.86
N SER A 207 13.55 12.47 0.74
CA SER A 207 13.82 13.23 -0.49
C SER A 207 15.27 13.48 -0.78
N GLY A 208 16.14 13.30 0.21
CA GLY A 208 17.58 13.59 0.05
C GLY A 208 17.91 15.07 0.18
N GLY A 209 16.93 15.87 0.55
CA GLY A 209 17.09 17.32 0.68
C GLY A 209 17.75 18.02 -0.47
N SER A 210 18.09 19.30 -0.28
CA SER A 210 18.57 20.17 -1.35
C SER A 210 20.01 19.95 -1.81
N PHE A 211 20.73 19.02 -1.22
CA PHE A 211 22.09 18.77 -1.70
C PHE A 211 22.32 17.36 -2.16
N LEU A 212 21.23 16.72 -2.58
CA LEU A 212 21.32 15.38 -3.14
C LEU A 212 22.28 15.35 -4.32
N ASP A 213 22.07 16.22 -5.31
CA ASP A 213 22.85 16.18 -6.55
C ASP A 213 24.15 16.97 -6.48
N LYS A 214 24.23 17.87 -5.49
CA LYS A 214 25.44 18.66 -5.29
C LYS A 214 26.55 17.86 -4.56
N SER A 215 27.77 18.36 -4.68
CA SER A 215 28.92 17.64 -4.14
C SER A 215 29.13 17.88 -2.64
N ILE A 216 29.91 16.96 -2.09
CA ILE A 216 30.40 17.07 -0.72
C ILE A 216 31.03 18.44 -0.45
N LYS A 217 31.71 19.02 -1.45
CA LYS A 217 32.37 20.32 -1.31
C LYS A 217 31.39 21.50 -1.35
N GLN A 218 30.32 21.39 -2.13
CA GLN A 218 29.33 22.48 -2.24
C GLN A 218 28.44 22.52 -1.03
N MET A 219 28.47 21.43 -0.26
CA MET A 219 27.62 21.24 0.92
C MET A 219 28.21 21.97 2.12
N GLN A 220 29.54 22.11 2.13
CA GLN A 220 30.21 22.91 3.15
C GLN A 220 29.80 24.41 3.09
N ASN A 221 28.83 24.78 2.22
CA ASN A 221 28.38 26.18 2.06
C ASN A 221 26.86 26.44 2.09
N ALA A 222 26.53 27.72 2.22
CA ALA A 222 25.27 28.18 2.80
C ALA A 222 24.47 28.95 1.77
N SER A 223 23.29 29.47 2.10
CA SER A 223 22.50 29.24 3.32
C SER A 223 21.01 29.36 2.99
N VAL A 224 20.68 30.33 2.15
CA VAL A 224 19.41 30.33 1.42
C VAL A 224 19.35 29.09 0.50
N LYS A 225 20.52 28.68 -0.02
CA LYS A 225 20.66 27.43 -0.76
C LYS A 225 20.18 26.26 0.10
N GLU A 226 20.76 26.14 1.30
CA GLU A 226 20.39 25.07 2.25
C GLU A 226 18.92 25.11 2.71
N ALA A 227 18.34 26.31 2.77
CA ALA A 227 16.94 26.51 3.19
C ALA A 227 15.88 26.32 2.07
N VAL A 228 16.28 26.32 0.78
CA VAL A 228 15.38 26.10 -0.40
C VAL A 228 15.71 24.79 -1.09
N MET A 235 7.58 24.64 3.96
CA MET A 235 9.05 24.68 3.84
C MET A 235 9.77 25.48 4.98
N GLY A 236 9.50 25.16 6.26
CA GLY A 236 10.15 25.85 7.42
C GLY A 236 11.66 25.61 7.43
N GLN A 237 12.42 26.52 8.08
CA GLN A 237 13.89 26.54 7.95
C GLN A 237 14.60 25.37 8.63
N LYS A 238 14.28 25.15 9.90
CA LYS A 238 14.95 24.14 10.69
C LYS A 238 14.74 22.79 10.04
N ILE A 239 13.48 22.49 9.82
CA ILE A 239 13.06 21.23 9.23
C ILE A 239 13.64 21.08 7.80
N SER A 240 13.75 22.18 7.10
CA SER A 240 14.36 22.18 5.78
C SER A 240 15.89 21.89 5.85
N ILE A 241 16.54 22.43 6.88
CA ILE A 241 17.95 22.11 7.17
C ILE A 241 18.07 20.65 7.54
N ASP A 242 17.17 20.16 8.40
CA ASP A 242 17.14 18.75 8.77
C ASP A 242 16.95 17.82 7.54
N SER A 243 16.17 18.30 6.57
CA SER A 243 16.03 17.57 5.35
C SER A 243 17.35 17.57 4.61
N ALA A 244 17.99 18.72 4.48
CA ALA A 244 19.29 18.76 3.77
C ALA A 244 20.46 17.95 4.38
N THR A 245 20.40 17.67 5.68
CA THR A 245 21.47 16.91 6.34
C THR A 245 21.10 15.48 6.52
N MET A 246 19.77 15.25 6.54
CA MET A 246 19.13 13.98 6.70
C MET A 246 18.95 13.67 8.18
N MET A 247 19.11 14.66 9.04
CA MET A 247 18.75 14.45 10.43
C MET A 247 17.27 14.19 10.55
N ASN A 248 16.45 14.87 9.74
CA ASN A 248 14.98 14.57 9.81
C ASN A 248 14.67 13.09 9.71
N LYS A 249 15.34 12.40 8.79
CA LYS A 249 15.08 10.96 8.62
C LYS A 249 15.63 10.12 9.77
N GLY A 250 16.77 10.52 10.34
CA GLY A 250 17.30 9.79 11.50
C GLY A 250 16.35 9.94 12.66
N LEU A 251 15.75 11.13 12.77
CA LEU A 251 14.84 11.36 13.85
C LEU A 251 13.64 10.50 13.62
N GLU A 252 13.13 10.50 12.40
CA GLU A 252 12.00 9.62 12.06
C GLU A 252 12.33 8.14 12.31
N LEU A 253 13.54 7.75 11.99
CA LEU A 253 13.97 6.42 12.40
C LEU A 253 13.75 6.14 13.88
N ILE A 254 14.21 7.05 14.74
CA ILE A 254 14.16 6.81 16.17
C ILE A 254 12.69 6.73 16.61
N GLU A 255 11.87 7.63 16.05
CA GLU A 255 10.43 7.67 16.34
C GLU A 255 9.74 6.39 15.92
N ALA A 256 10.10 5.92 14.73
CA ALA A 256 9.53 4.67 14.22
C ALA A 256 9.84 3.48 15.13
N CYS A 257 11.09 3.39 15.62
CA CYS A 257 11.38 2.28 16.58
C CYS A 257 10.39 2.24 17.72
N HIS A 258 10.06 3.40 18.30
CA HIS A 258 9.06 3.45 19.36
C HIS A 258 7.64 3.27 18.86
N LEU A 259 7.25 4.00 17.81
CA LEU A 259 5.86 3.94 17.30
C LEU A 259 5.45 2.50 17.03
N PHE A 260 6.29 1.81 16.25
CA PHE A 260 5.98 0.46 15.77
C PHE A 260 6.78 -0.67 16.48
N ASP A 261 7.45 -0.33 17.59
CA ASP A 261 7.97 -1.32 18.52
C ASP A 261 9.04 -2.23 17.90
N LEU A 262 9.96 -1.64 17.15
CA LEU A 262 11.05 -2.34 16.54
C LEU A 262 12.38 -1.76 17.02
N LYS A 263 13.46 -2.39 16.59
CA LYS A 263 14.81 -1.85 16.75
C LYS A 263 15.26 -1.36 15.39
N GLU A 264 16.31 -0.57 15.38
CA GLU A 264 16.65 0.21 14.24
C GLU A 264 17.09 -0.54 12.97
N HIS A 265 17.61 -1.75 13.18
CA HIS A 265 18.18 -2.58 12.11
C HIS A 265 17.06 -3.03 11.17
N GLN A 266 15.88 -3.22 11.76
CA GLN A 266 14.63 -3.53 11.09
C GLN A 266 14.00 -2.33 10.34
N ILE A 267 14.69 -1.21 10.23
CA ILE A 267 14.09 -0.06 9.57
C ILE A 267 15.10 0.57 8.71
N GLN A 268 14.81 0.60 7.42
CA GLN A 268 15.79 1.03 6.44
C GLN A 268 15.32 2.25 5.72
N VAL A 269 16.24 2.90 5.01
CA VAL A 269 15.91 4.14 4.36
C VAL A 269 16.24 4.02 2.91
N VAL A 270 15.40 4.61 2.07
CA VAL A 270 15.70 4.75 0.65
C VAL A 270 15.47 6.19 0.32
N ILE A 271 16.30 6.76 -0.55
CA ILE A 271 16.16 8.10 -1.01
C ILE A 271 15.17 8.09 -2.20
N HIS A 272 14.38 9.13 -2.31
CA HIS A 272 13.28 9.17 -3.21
C HIS A 272 12.95 10.64 -3.38
N PRO A 273 13.63 11.30 -4.29
CA PRO A 273 13.51 12.77 -4.40
C PRO A 273 12.14 13.32 -4.66
N ASN A 274 11.29 12.52 -5.28
CA ASN A 274 9.97 12.99 -5.68
C ASN A 274 9.03 13.13 -4.48
N SER A 275 9.34 12.43 -3.39
CA SER A 275 8.45 12.30 -2.23
C SER A 275 6.98 11.93 -2.54
N VAL A 276 6.72 11.15 -3.58
CA VAL A 276 5.37 10.57 -3.78
C VAL A 276 5.07 9.33 -2.92
N VAL A 277 6.00 8.40 -2.89
CA VAL A 277 5.93 7.25 -1.99
C VAL A 277 6.37 7.68 -0.59
N HIS A 278 5.45 7.60 0.36
CA HIS A 278 5.71 8.21 1.63
C HIS A 278 6.45 7.29 2.59
N SER A 279 6.46 6.00 2.24
CA SER A 279 7.09 4.92 2.99
C SER A 279 6.41 3.61 2.61
N LEU A 280 7.05 2.52 3.01
CA LEU A 280 6.61 1.18 2.67
C LEU A 280 6.84 0.21 3.81
N VAL A 281 5.95 -0.79 3.89
CA VAL A 281 6.08 -1.98 4.72
C VAL A 281 6.39 -3.18 3.85
N GLU A 282 7.53 -3.83 4.12
CA GLU A 282 7.93 -5.10 3.44
C GLU A 282 7.45 -6.34 4.20
N TYR A 283 6.73 -7.24 3.51
CA TYR A 283 6.21 -8.47 4.13
C TYR A 283 7.06 -9.67 3.68
N VAL A 284 7.04 -10.74 4.44
CA VAL A 284 7.90 -11.90 4.14
C VAL A 284 7.59 -12.66 2.82
N ASP A 285 6.44 -12.42 2.18
CA ASP A 285 6.21 -13.00 0.85
C ASP A 285 6.74 -12.19 -0.30
N GLY A 286 7.37 -11.07 0.02
CA GLY A 286 7.83 -10.16 -1.01
C GLY A 286 6.93 -8.98 -1.30
N SER A 287 5.75 -8.97 -0.69
CA SER A 287 4.82 -7.84 -0.86
C SER A 287 5.34 -6.64 -0.11
N PHE A 288 5.65 -5.57 -0.86
CA PHE A 288 5.80 -4.22 -0.32
C PHE A 288 4.49 -3.42 -0.44
N LEU A 289 3.85 -3.09 0.68
CA LEU A 289 2.71 -2.18 0.72
C LEU A 289 3.18 -0.74 0.97
N ALA A 290 2.61 0.20 0.25
CA ALA A 290 3.06 1.60 0.28
C ALA A 290 1.90 2.59 0.18
N GLN A 291 2.07 3.77 0.76
CA GLN A 291 1.14 4.87 0.64
C GLN A 291 1.76 5.93 -0.25
N LEU A 292 0.99 6.37 -1.26
CA LEU A 292 1.38 7.44 -2.17
C LEU A 292 0.46 8.59 -1.91
N GLY A 293 0.96 9.81 -2.04
CA GLY A 293 0.18 11.00 -1.74
C GLY A 293 0.86 12.24 -2.25
N THR A 294 0.20 13.38 -2.07
CA THR A 294 0.83 14.65 -2.28
C THR A 294 1.41 15.10 -0.96
N PRO A 295 2.11 16.24 -0.96
CA PRO A 295 2.57 16.74 0.33
C PRO A 295 1.50 17.24 1.30
N ASP A 296 0.23 17.33 0.90
CA ASP A 296 -0.79 17.98 1.72
C ASP A 296 -1.10 17.21 2.99
N MET A 297 -0.76 17.83 4.12
CA MET A 297 -0.96 17.20 5.43
C MET A 297 -2.38 16.89 5.76
N LYS A 298 -3.34 17.43 5.02
CA LYS A 298 -4.74 17.05 5.26
C LYS A 298 -4.99 15.54 5.00
N THR A 299 -4.17 14.94 4.14
CA THR A 299 -4.32 13.47 3.91
C THR A 299 -4.07 12.65 5.18
N PRO A 300 -2.85 12.70 5.75
CA PRO A 300 -2.61 11.96 6.99
C PRO A 300 -3.49 12.39 8.20
N ILE A 301 -3.84 13.67 8.30
CA ILE A 301 -4.60 14.13 9.45
C ILE A 301 -6.01 13.62 9.34
N ALA A 302 -6.57 13.60 8.11
CA ALA A 302 -7.90 13.08 7.91
C ALA A 302 -7.98 11.59 8.24
N HIS A 303 -6.92 10.87 7.87
CA HIS A 303 -6.87 9.41 8.12
C HIS A 303 -6.89 9.17 9.64
N ALA A 304 -5.99 9.87 10.34
CA ALA A 304 -5.86 9.75 11.79
C ALA A 304 -7.12 10.15 12.54
N LEU A 305 -7.77 11.21 12.08
CA LEU A 305 -8.97 11.73 12.72
C LEU A 305 -10.16 10.79 12.68
N ALA A 306 -10.35 10.19 11.51
CA ALA A 306 -11.53 9.41 11.26
C ALA A 306 -11.30 7.94 11.62
N TYR A 307 -10.04 7.50 11.71
CA TYR A 307 -9.70 6.12 12.04
C TYR A 307 -10.66 5.52 13.06
N PRO A 308 -11.20 4.33 12.81
CA PRO A 308 -10.87 3.46 11.66
C PRO A 308 -11.57 3.82 10.35
N GLU A 309 -12.47 4.81 10.38
CA GLU A 309 -13.20 5.21 9.20
C GLU A 309 -12.31 6.13 8.39
N ARG A 310 -12.79 6.46 7.20
CA ARG A 310 -12.17 7.41 6.30
C ARG A 310 -13.18 8.51 6.01
N ILE A 311 -12.69 9.69 5.67
CA ILE A 311 -13.52 10.85 5.33
C ILE A 311 -12.81 11.69 4.27
N LYS A 312 -13.61 12.44 3.53
CA LYS A 312 -13.11 13.41 2.57
C LYS A 312 -12.19 14.39 3.28
N SER A 313 -11.10 14.74 2.66
CA SER A 313 -10.11 15.51 3.35
C SER A 313 -9.93 16.87 2.71
N GLY A 314 -10.44 17.03 1.49
CA GLY A 314 -10.41 18.31 0.79
C GLY A 314 -9.13 18.56 0.05
N VAL A 315 -8.32 17.53 -0.21
CA VAL A 315 -7.04 17.76 -0.93
C VAL A 315 -7.29 17.61 -2.42
N MET A 316 -6.40 18.22 -3.24
CA MET A 316 -6.26 17.96 -4.68
C MET A 316 -5.54 16.61 -4.76
N PRO A 317 -6.22 15.54 -5.25
CA PRO A 317 -5.62 14.21 -5.22
C PRO A 317 -4.40 14.14 -6.11
N LEU A 318 -3.44 13.31 -5.71
CA LEU A 318 -2.30 13.02 -6.52
C LEU A 318 -2.75 12.60 -7.91
N ASP A 319 -2.11 13.14 -8.94
CA ASP A 319 -2.46 12.83 -10.30
C ASP A 319 -1.52 11.80 -10.92
N LEU A 320 -1.98 10.56 -11.05
CA LEU A 320 -1.08 9.48 -11.48
C LEU A 320 -0.57 9.61 -12.86
N TYR A 321 -1.28 10.37 -13.68
CA TYR A 321 -0.85 10.66 -15.05
C TYR A 321 0.25 11.70 -15.18
N GLN A 322 0.52 12.50 -14.14
CA GLN A 322 1.57 13.55 -14.22
C GLN A 322 2.75 13.34 -13.26
N LEU A 323 3.07 12.09 -12.93
CA LEU A 323 4.21 11.82 -12.08
C LEU A 323 5.53 11.77 -12.83
N GLY A 324 5.45 11.66 -14.16
CA GLY A 324 6.64 11.48 -14.96
C GLY A 324 7.36 10.25 -14.38
N SER A 325 8.51 10.46 -13.69
CA SER A 325 9.24 9.32 -13.14
C SER A 325 9.76 9.43 -11.69
N LEU A 326 9.37 8.44 -10.89
CA LEU A 326 9.75 8.34 -9.50
C LEU A 326 11.12 7.69 -9.32
N LYS A 327 12.12 8.49 -8.94
CA LYS A 327 13.49 7.97 -8.77
C LYS A 327 13.68 7.43 -7.35
N PHE A 328 14.42 6.33 -7.25
CA PHE A 328 14.82 5.75 -5.99
C PHE A 328 16.34 5.44 -6.05
N LEU A 329 17.08 5.68 -4.95
CA LEU A 329 18.49 5.25 -4.83
C LEU A 329 18.90 5.06 -3.38
N ALA A 330 20.01 4.37 -3.17
CA ALA A 330 20.51 4.17 -1.82
C ALA A 330 21.04 5.49 -1.20
N PRO A 331 20.81 5.66 0.10
CA PRO A 331 21.37 6.82 0.79
C PRO A 331 22.89 6.75 0.83
N ASP A 332 23.53 7.84 0.39
CA ASP A 332 24.97 8.06 0.48
C ASP A 332 25.34 8.40 1.94
N LEU A 333 25.65 7.38 2.75
CA LEU A 333 25.87 7.60 4.19
C LEU A 333 27.15 8.45 4.54
N ASP A 334 28.07 8.64 3.61
CA ASP A 334 29.22 9.49 3.89
C ASP A 334 28.75 10.92 3.88
N LYS A 335 28.12 11.35 2.81
CA LYS A 335 27.44 12.67 2.78
C LYS A 335 26.36 12.83 3.90
N PHE A 336 25.61 11.77 4.21
CA PHE A 336 24.49 11.90 5.12
C PHE A 336 24.75 11.38 6.55
N ALA A 337 25.87 11.82 7.10
CA ALA A 337 26.39 11.35 8.40
C ALA A 337 25.38 11.45 9.53
N CYS A 338 24.57 12.51 9.53
CA CYS A 338 23.55 12.63 10.56
C CYS A 338 22.72 11.37 10.64
N LEU A 339 22.48 10.72 9.49
CA LEU A 339 21.69 9.47 9.50
C LEU A 339 22.40 8.30 10.19
N LYS A 340 23.69 8.14 9.91
CA LYS A 340 24.52 7.14 10.64
C LYS A 340 24.51 7.43 12.14
N LEU A 341 24.57 8.72 12.48
CA LEU A 341 24.65 9.17 13.92
C LEU A 341 23.39 8.82 14.61
N ALA A 342 22.27 9.02 13.93
CA ALA A 342 20.97 8.80 14.56
C ALA A 342 20.75 7.36 14.85
N ARG A 343 21.24 6.52 13.94
CA ARG A 343 21.10 5.08 14.08
C ARG A 343 21.98 4.64 15.21
N TYR A 344 23.16 5.23 15.30
CA TYR A 344 24.10 5.00 16.43
C TYR A 344 23.38 5.43 17.70
N ALA A 345 22.70 6.56 17.68
CA ALA A 345 21.96 6.98 18.87
C ALA A 345 20.85 6.04 19.25
N ALA A 346 20.09 5.56 18.25
CA ALA A 346 19.01 4.61 18.50
C ALA A 346 19.50 3.32 19.16
N ARG A 347 20.73 2.90 18.82
CA ARG A 347 21.29 1.66 19.41
C ARG A 347 21.52 1.86 20.92
N LEU A 348 21.98 3.04 21.32
CA LEU A 348 22.36 3.30 22.72
C LEU A 348 21.19 3.53 23.64
N GLY A 349 20.18 4.23 23.17
CA GLY A 349 18.98 4.33 23.98
C GLY A 349 18.62 5.76 24.21
N THR A 350 17.73 5.95 25.18
CA THR A 350 16.99 7.19 25.28
C THR A 350 17.89 8.37 25.52
N GLY A 351 18.98 8.13 26.24
CA GLY A 351 19.91 9.16 26.57
C GLY A 351 20.60 9.73 25.37
N ALA A 352 21.17 8.87 24.55
CA ALA A 352 21.87 9.38 23.37
C ALA A 352 20.91 9.97 22.34
N CYS A 353 19.67 9.51 22.31
CA CYS A 353 18.66 10.10 21.42
C CYS A 353 18.38 11.53 21.92
N ILE A 354 18.21 11.70 23.24
CA ILE A 354 18.07 13.05 23.82
C ILE A 354 19.21 13.90 23.40
N ALA A 355 20.43 13.37 23.50
CA ALA A 355 21.59 14.14 23.14
C ALA A 355 21.65 14.42 21.69
N LEU A 356 21.40 13.42 20.85
CA LEU A 356 21.39 13.61 19.38
C LEU A 356 20.54 14.79 19.03
N ASN A 357 19.33 14.81 19.55
CA ASN A 357 18.37 15.82 19.14
C ASN A 357 18.69 17.24 19.61
N THR A 358 19.02 17.34 20.89
CA THR A 358 19.30 18.64 21.52
C THR A 358 20.52 19.27 20.85
N ALA A 359 21.51 18.46 20.59
CA ALA A 359 22.67 18.89 19.90
C ALA A 359 22.34 19.38 18.50
N ASN A 360 21.45 18.68 17.81
CA ASN A 360 21.07 19.07 16.44
C ASN A 360 20.39 20.41 16.44
N GLU A 361 19.50 20.57 17.42
CA GLU A 361 18.85 21.84 17.68
C GLU A 361 19.84 23.00 17.75
N ILE A 362 20.78 22.92 18.70
CA ILE A 362 21.78 23.96 18.87
C ILE A 362 22.62 24.11 17.61
N ALA A 363 22.97 23.01 16.98
CA ALA A 363 23.86 23.07 15.80
C ALA A 363 23.14 23.71 14.57
N VAL A 364 21.83 23.48 14.46
CA VAL A 364 21.04 24.01 13.33
C VAL A 364 20.85 25.53 13.51
N GLU A 365 20.36 25.95 14.68
CA GLU A 365 20.37 27.40 15.06
C GLU A 365 21.66 28.14 14.71
N ALA A 366 22.76 27.47 15.02
CA ALA A 366 24.09 27.98 14.74
C ALA A 366 24.34 28.25 13.26
N PHE A 367 23.98 27.26 12.43
CA PHE A 367 24.14 27.37 10.99
C PHE A 367 23.25 28.46 10.47
N LEU A 368 22.01 28.48 10.95
CA LEU A 368 21.03 29.52 10.55
C LEU A 368 21.50 30.92 10.93
N ALA A 369 22.14 31.03 12.09
CA ALA A 369 22.73 32.29 12.50
C ALA A 369 24.14 32.47 11.90
N GLU A 370 24.54 31.61 10.98
CA GLU A 370 25.80 31.78 10.22
C GLU A 370 27.09 31.65 11.05
N LYS A 371 27.00 30.90 12.15
CA LYS A 371 28.17 30.58 12.98
C LYS A 371 28.91 29.31 12.51
N ILE A 372 28.24 28.37 11.82
CA ILE A 372 28.96 27.17 11.30
C ILE A 372 28.67 26.87 9.84
N CYS A 373 29.44 25.95 9.27
CA CYS A 373 29.16 25.34 7.97
C CYS A 373 28.09 24.28 8.12
N LEU A 374 27.37 23.98 7.04
CA LEU A 374 26.29 22.96 7.07
C LEU A 374 26.79 21.60 7.51
N THR A 375 27.97 21.25 7.02
CA THR A 375 28.57 19.97 7.42
C THR A 375 29.02 19.91 8.86
N ASP A 376 29.10 21.04 9.56
CA ASP A 376 29.56 20.97 10.96
C ASP A 376 28.42 20.46 11.83
N ILE A 377 27.18 20.55 11.35
CA ILE A 377 26.07 20.07 12.13
C ILE A 377 26.35 18.69 12.65
N ALA A 378 26.84 17.83 11.77
CA ALA A 378 27.17 16.43 12.13
C ALA A 378 28.41 16.29 13.07
N VAL A 379 29.45 17.05 12.76
CA VAL A 379 30.64 17.15 13.63
C VAL A 379 30.23 17.45 15.08
N ILE A 380 29.37 18.44 15.24
CA ILE A 380 28.91 18.90 16.55
C ILE A 380 28.11 17.81 17.23
N VAL A 381 27.13 17.28 16.52
CA VAL A 381 26.27 16.24 17.09
C VAL A 381 27.08 15.02 17.54
N LYS A 382 28.02 14.63 16.71
CA LYS A 382 28.87 13.49 17.03
C LYS A 382 29.61 13.81 18.36
N ALA A 383 30.30 14.92 18.37
CA ALA A 383 31.02 15.36 19.57
C ALA A 383 30.18 15.21 20.87
N CYS A 384 28.91 15.54 20.81
CA CYS A 384 28.08 15.49 21.99
C CYS A 384 27.72 14.06 22.36
N LEU A 385 27.48 13.23 21.34
CA LEU A 385 27.12 11.83 21.59
C LEU A 385 28.27 11.16 22.31
N ASP A 386 29.49 11.50 21.86
CA ASP A 386 30.71 10.91 22.40
C ASP A 386 31.17 11.49 23.75
N ASP A 387 30.89 12.77 24.01
CA ASP A 387 31.29 13.43 25.24
C ASP A 387 31.08 12.57 26.49
N LYS A 388 32.18 12.45 27.27
CA LYS A 388 32.22 11.62 28.51
C LYS A 388 31.21 12.18 29.50
N THR A 389 31.13 13.51 29.54
CA THR A 389 30.17 14.19 30.39
C THR A 389 28.74 13.77 30.11
N ILE A 390 28.39 13.67 28.83
CA ILE A 390 27.03 13.29 28.45
C ILE A 390 26.77 11.80 28.79
N ALA A 391 27.73 10.94 28.43
CA ALA A 391 27.58 9.46 28.60
C ALA A 391 27.30 8.98 29.99
N GLN A 392 27.80 9.68 31.01
CA GLN A 392 27.54 9.20 32.37
C GLN A 392 26.04 9.09 32.66
N ASP A 393 25.23 9.86 31.91
CA ASP A 393 23.78 9.94 32.12
C ASP A 393 22.99 8.99 31.22
N TYR A 394 23.62 8.38 30.22
CA TYR A 394 22.91 7.38 29.42
C TYR A 394 22.28 6.28 30.26
N SER A 395 23.04 5.76 31.21
CA SER A 395 22.59 4.58 31.97
C SER A 395 21.40 4.87 32.86
N GLN A 396 21.01 6.12 32.98
CA GLN A 396 19.79 6.49 33.73
C GLN A 396 18.47 5.85 33.27
N ASP A 397 17.53 5.70 34.20
CA ASP A 397 16.22 5.16 33.88
C ASP A 397 15.27 6.28 33.39
N PHE A 398 15.47 6.70 32.13
CA PHE A 398 14.61 7.69 31.49
C PHE A 398 13.14 7.23 31.30
N GLY A 399 12.89 5.93 31.45
CA GLY A 399 11.53 5.41 31.35
C GLY A 399 10.75 5.38 32.63
N ASP A 400 11.31 5.95 33.69
CA ASP A 400 10.70 5.79 35.02
C ASP A 400 9.43 6.59 35.16
N GLU A 401 8.35 5.93 35.57
CA GLU A 401 7.08 6.57 35.88
C GLU A 401 7.22 7.91 36.60
N VAL A 402 8.07 7.97 37.62
CA VAL A 402 8.10 9.11 38.54
C VAL A 402 9.17 10.16 38.23
N LEU A 403 10.40 9.75 37.92
CA LEU A 403 11.47 10.74 37.61
C LEU A 403 11.86 10.80 36.12
N GLY A 404 11.15 10.04 35.30
CA GLY A 404 11.50 10.00 33.88
C GLY A 404 11.61 11.38 33.25
N LEU A 405 10.54 12.15 33.38
CA LEU A 405 10.48 13.44 32.69
C LEU A 405 11.56 14.38 33.20
N GLU A 406 11.70 14.52 34.52
CA GLU A 406 12.79 15.36 35.11
C GLU A 406 14.14 15.05 34.50
N ARG A 407 14.47 13.77 34.44
CA ARG A 407 15.77 13.32 33.93
C ARG A 407 15.97 13.64 32.44
N ILE A 408 14.88 13.58 31.67
CA ILE A 408 14.91 13.95 30.21
C ILE A 408 15.23 15.43 30.07
N LEU A 409 14.45 16.26 30.74
CA LEU A 409 14.64 17.72 30.64
C LEU A 409 15.97 18.16 31.21
N THR A 410 16.40 17.51 32.28
CA THR A 410 17.73 17.79 32.81
C THR A 410 18.80 17.47 31.75
N MET A 411 18.64 16.33 31.09
CA MET A 411 19.57 15.91 30.06
C MET A 411 19.56 16.91 28.89
N ASP A 412 18.36 17.29 28.43
CA ASP A 412 18.23 18.36 27.44
C ASP A 412 19.00 19.65 27.82
N LYS A 413 18.76 20.11 29.05
CA LYS A 413 19.43 21.33 29.59
C LYS A 413 20.98 21.18 29.52
N LYS A 414 21.48 20.01 29.99
CA LYS A 414 22.90 19.70 29.96
C LYS A 414 23.50 19.74 28.53
N VAL A 415 22.81 19.10 27.57
CA VAL A 415 23.36 19.03 26.23
C VAL A 415 23.41 20.40 25.51
N ARG A 416 22.45 21.29 25.74
CA ARG A 416 22.55 22.67 25.18
C ARG A 416 23.82 23.33 25.63
N LYS A 417 24.11 23.20 26.94
CA LYS A 417 25.35 23.77 27.49
C LYS A 417 26.52 23.22 26.70
N ILE A 418 26.59 21.90 26.57
CA ILE A 418 27.77 21.28 25.98
C ILE A 418 27.87 21.60 24.50
N ALA A 419 26.74 21.44 23.81
CA ALA A 419 26.66 21.73 22.39
C ALA A 419 27.07 23.17 22.14
N THR A 420 26.52 24.09 22.92
CA THR A 420 26.96 25.50 22.80
C THR A 420 28.47 25.65 22.92
N ALA A 421 29.03 25.04 23.97
CA ALA A 421 30.48 25.03 24.15
C ALA A 421 31.18 24.47 22.92
N LYS A 422 30.70 23.30 22.48
CA LYS A 422 31.30 22.68 21.33
C LYS A 422 31.37 23.61 20.11
N ILE A 423 30.32 24.39 19.89
CA ILE A 423 30.30 25.27 18.72
C ILE A 423 31.41 26.31 18.86
N LYS A 424 31.49 26.83 20.08
CA LYS A 424 32.55 27.77 20.42
C LYS A 424 33.95 27.23 20.09
N LEU A 425 34.22 26.03 20.57
CA LEU A 425 35.54 25.43 20.41
C LEU A 425 35.83 25.10 18.96
N LEU A 426 34.79 24.73 18.21
CA LEU A 426 34.96 24.33 16.81
C LEU A 426 35.53 25.49 16.00
N LYS A 427 34.95 26.66 16.23
CA LYS A 427 35.29 27.88 15.49
C LYS A 427 36.77 28.26 15.53
N GLN A 428 37.40 28.03 16.70
CA GLN A 428 38.83 28.31 16.87
C GLN A 428 39.70 27.14 16.38
N GLY A 429 39.21 25.91 16.55
CA GLY A 429 39.80 24.74 15.89
C GLY A 429 40.31 23.68 16.86
N ASP A 430 39.47 23.30 17.83
CA ASP A 430 39.86 22.40 18.95
C ASP A 430 39.13 21.05 18.89
N LEU B 23 -3.64 -29.14 8.78
CA LEU B 23 -3.19 -28.67 7.43
C LEU B 23 -4.37 -28.25 6.56
N GLN B 24 -4.19 -28.29 5.24
CA GLN B 24 -5.16 -27.84 4.27
C GLN B 24 -4.99 -28.65 3.00
N SER B 25 -6.03 -29.35 2.60
CA SER B 25 -6.03 -30.20 1.40
C SER B 25 -6.24 -29.37 0.13
N LEU B 26 -5.33 -29.43 -0.81
CA LEU B 26 -5.40 -28.62 -2.03
C LEU B 26 -5.69 -29.39 -3.31
N ALA B 27 -6.36 -28.74 -4.26
CA ALA B 27 -6.48 -29.26 -5.62
C ALA B 27 -6.04 -28.19 -6.61
N ILE B 28 -5.12 -28.50 -7.50
CA ILE B 28 -4.67 -27.56 -8.49
C ILE B 28 -5.21 -27.99 -9.84
N LEU B 29 -6.14 -27.20 -10.36
CA LEU B 29 -6.67 -27.39 -11.66
C LEU B 29 -5.78 -26.63 -12.57
N GLY B 30 -5.13 -27.31 -13.49
CA GLY B 30 -4.18 -26.70 -14.43
C GLY B 30 -2.79 -26.54 -13.81
N ALA B 31 -2.19 -27.68 -13.49
CA ALA B 31 -1.02 -27.74 -12.63
C ALA B 31 0.33 -27.75 -13.37
N THR B 32 0.33 -27.80 -14.71
CA THR B 32 1.57 -28.01 -15.47
C THR B 32 2.15 -26.73 -16.11
N GLY B 33 1.58 -25.58 -15.76
CA GLY B 33 2.05 -24.31 -16.25
C GLY B 33 2.66 -23.51 -15.14
N SER B 34 2.72 -22.21 -15.38
CA SER B 34 3.49 -21.28 -14.51
C SER B 34 2.94 -21.28 -13.14
N ILE B 35 1.62 -21.17 -13.10
CA ILE B 35 0.92 -21.04 -11.85
C ILE B 35 1.14 -22.28 -11.04
N GLY B 36 1.05 -23.43 -11.70
CA GLY B 36 1.39 -24.70 -11.06
C GLY B 36 2.81 -24.81 -10.45
N ASP B 37 3.83 -24.49 -11.25
CA ASP B 37 5.22 -24.44 -10.77
C ASP B 37 5.39 -23.60 -9.48
N SER B 38 4.88 -22.36 -9.53
CA SER B 38 5.05 -21.42 -8.49
C SER B 38 4.37 -21.89 -7.24
N THR B 39 3.17 -22.42 -7.40
CA THR B 39 2.40 -22.90 -6.29
C THR B 39 3.08 -24.07 -5.62
N LEU B 40 3.48 -25.04 -6.44
CA LEU B 40 4.07 -26.25 -5.92
C LEU B 40 5.42 -25.92 -5.26
N ALA B 41 6.15 -24.94 -5.77
CA ALA B 41 7.40 -24.52 -5.07
C ALA B 41 7.13 -24.10 -3.62
N ILE B 42 6.03 -23.40 -3.40
CA ILE B 42 5.69 -22.94 -2.05
C ILE B 42 5.31 -24.11 -1.15
N ILE B 43 4.51 -25.01 -1.71
CA ILE B 43 4.09 -26.27 -1.06
C ILE B 43 5.33 -27.01 -0.53
N ARG B 44 6.39 -27.09 -1.33
CA ARG B 44 7.58 -27.85 -0.95
C ARG B 44 8.20 -27.21 0.27
N GLN B 45 8.31 -25.87 0.24
CA GLN B 45 8.87 -25.13 1.38
C GLN B 45 7.91 -25.22 2.59
N HIS B 46 6.67 -25.60 2.35
CA HIS B 46 5.72 -25.68 3.44
C HIS B 46 5.04 -27.05 3.46
N PRO B 47 5.79 -28.10 3.79
CA PRO B 47 5.17 -29.43 3.83
C PRO B 47 4.07 -29.48 4.89
N ASN B 48 4.35 -28.87 6.02
CA ASN B 48 3.51 -28.99 7.18
C ASN B 48 2.16 -28.28 7.07
N ARG B 49 1.98 -27.43 6.05
CA ARG B 49 0.75 -26.62 5.94
C ARG B 49 -0.22 -27.09 4.85
N TYR B 50 0.33 -27.56 3.74
CA TYR B 50 -0.47 -27.82 2.55
C TYR B 50 -0.16 -29.20 1.98
N ARG B 51 -1.18 -30.04 1.88
CA ARG B 51 -1.09 -31.38 1.30
C ARG B 51 -1.81 -31.32 -0.02
N ILE B 52 -1.27 -31.99 -1.04
CA ILE B 52 -1.86 -32.05 -2.35
C ILE B 52 -2.78 -33.24 -2.35
N HIS B 53 -4.03 -33.01 -2.75
CA HIS B 53 -5.02 -34.05 -2.87
C HIS B 53 -5.18 -34.33 -4.33
N ALA B 54 -5.15 -33.32 -5.19
CA ALA B 54 -5.37 -33.55 -6.62
C ALA B 54 -4.62 -32.58 -7.46
N LEU B 55 -4.27 -32.99 -8.67
CA LEU B 55 -3.65 -32.12 -9.65
C LEU B 55 -4.25 -32.44 -10.99
N THR B 56 -4.37 -31.49 -11.90
CA THR B 56 -4.84 -31.83 -13.24
C THR B 56 -3.94 -31.26 -14.36
N GLY B 57 -4.10 -31.80 -15.57
CA GLY B 57 -3.39 -31.34 -16.78
C GLY B 57 -3.88 -31.97 -18.07
N PHE B 58 -4.46 -31.15 -18.91
CA PHE B 58 -5.09 -31.57 -20.11
C PHE B 58 -4.16 -32.18 -21.15
N SER B 59 -2.95 -31.62 -21.31
CA SER B 59 -2.00 -32.01 -22.36
C SER B 59 -0.66 -32.59 -21.87
N ARG B 60 -0.10 -31.99 -20.82
CA ARG B 60 1.25 -32.31 -20.39
C ARG B 60 1.30 -33.52 -19.46
N VAL B 61 1.18 -34.68 -20.09
CA VAL B 61 0.96 -35.95 -19.39
C VAL B 61 2.15 -36.39 -18.57
N ASP B 62 3.34 -36.19 -19.13
CA ASP B 62 4.57 -36.63 -18.47
C ASP B 62 4.85 -35.74 -17.26
N LYS B 63 4.63 -34.45 -17.43
CA LYS B 63 4.85 -33.50 -16.33
C LYS B 63 3.86 -33.80 -15.24
N LEU B 64 2.61 -33.90 -15.68
CA LEU B 64 1.54 -34.35 -14.76
C LEU B 64 1.97 -35.60 -14.02
N LEU B 65 2.49 -36.57 -14.77
CA LEU B 65 2.97 -37.79 -14.15
C LEU B 65 4.10 -37.56 -13.13
N ALA B 66 5.10 -36.79 -13.56
CA ALA B 66 6.26 -36.40 -12.69
C ALA B 66 5.76 -35.80 -11.39
N LEU B 67 4.83 -34.86 -11.54
CA LEU B 67 4.20 -34.22 -10.36
C LEU B 67 3.50 -35.26 -9.48
N ALA B 68 2.70 -36.10 -10.12
CA ALA B 68 2.03 -37.17 -9.40
C ALA B 68 3.03 -38.05 -8.58
N MET B 69 4.12 -38.45 -9.24
CA MET B 69 5.17 -39.28 -8.56
C MET B 69 5.82 -38.58 -7.38
N GLU B 70 5.88 -37.25 -7.46
CA GLU B 70 6.45 -36.47 -6.36
C GLU B 70 5.50 -36.29 -5.16
N PHE B 71 4.28 -35.81 -5.43
CA PHE B 71 3.40 -35.35 -4.33
C PHE B 71 2.38 -36.38 -3.92
N HIS B 72 2.27 -37.46 -4.68
CA HIS B 72 1.40 -38.59 -4.35
C HIS B 72 -0.04 -38.13 -4.13
N PRO B 73 -0.60 -37.46 -5.13
CA PRO B 73 -1.95 -36.96 -5.03
C PRO B 73 -2.95 -38.09 -4.94
N VAL B 74 -4.04 -37.90 -4.20
CA VAL B 74 -5.14 -38.88 -4.22
C VAL B 74 -5.84 -38.97 -5.58
N LYS B 75 -5.87 -37.91 -6.40
CA LYS B 75 -6.48 -37.96 -7.75
C LYS B 75 -5.74 -37.10 -8.78
N ILE B 76 -5.82 -37.47 -10.04
CA ILE B 76 -5.39 -36.57 -11.11
C ILE B 76 -6.38 -36.63 -12.25
N CYS B 77 -6.33 -35.70 -13.20
CA CYS B 77 -7.26 -35.69 -14.32
C CYS B 77 -6.54 -35.16 -15.52
N THR B 78 -6.97 -35.62 -16.70
CA THR B 78 -6.38 -35.21 -17.93
C THR B 78 -7.49 -35.22 -18.94
N SER B 79 -7.14 -34.97 -20.21
CA SER B 79 -8.13 -34.93 -21.27
C SER B 79 -8.66 -36.34 -21.54
N PRO B 80 -9.76 -36.45 -22.32
CA PRO B 80 -10.30 -37.76 -22.67
C PRO B 80 -9.34 -38.54 -23.56
N ASP B 81 -8.77 -37.87 -24.57
CA ASP B 81 -7.76 -38.48 -25.44
C ASP B 81 -6.55 -39.08 -24.72
N ASN B 82 -6.11 -38.50 -23.60
CA ASN B 82 -4.87 -38.94 -22.90
C ASN B 82 -5.13 -39.87 -21.70
N TYR B 83 -6.40 -40.19 -21.45
CA TYR B 83 -6.78 -40.94 -20.24
C TYR B 83 -6.10 -42.33 -20.17
N ALA B 84 -6.12 -43.00 -21.31
CA ALA B 84 -5.57 -44.36 -21.41
C ALA B 84 -4.06 -44.40 -21.21
N GLN B 85 -3.33 -43.61 -21.99
CA GLN B 85 -1.86 -43.58 -21.84
C GLN B 85 -1.50 -43.17 -20.42
N LEU B 86 -2.16 -42.15 -19.90
CA LEU B 86 -1.88 -41.73 -18.55
C LEU B 86 -2.14 -42.83 -17.53
N SER B 87 -3.29 -43.54 -17.66
CA SER B 87 -3.57 -44.66 -16.72
C SER B 87 -2.53 -45.76 -16.84
N GLN B 88 -2.14 -46.04 -18.06
CA GLN B 88 -1.11 -47.08 -18.28
C GLN B 88 0.15 -46.63 -17.55
N LYS B 89 0.60 -45.38 -17.83
CA LYS B 89 1.80 -44.82 -17.17
C LYS B 89 1.70 -44.79 -15.64
N VAL B 90 0.56 -44.38 -15.13
CA VAL B 90 0.38 -44.36 -13.69
C VAL B 90 0.54 -45.75 -13.10
N THR B 91 0.10 -46.76 -13.82
CA THR B 91 0.29 -48.14 -13.33
C THR B 91 1.71 -48.59 -13.48
N ASP B 92 2.25 -48.41 -14.68
CA ASP B 92 3.68 -48.75 -14.87
C ASP B 92 4.57 -48.15 -13.75
N ALA B 93 4.14 -47.05 -13.11
CA ALA B 93 4.83 -46.47 -11.93
C ALA B 93 4.42 -46.93 -10.51
N GLY B 94 3.49 -47.86 -10.40
CA GLY B 94 3.14 -48.38 -9.08
C GLY B 94 2.48 -47.37 -8.15
N LEU B 95 1.65 -46.50 -8.71
CA LEU B 95 1.10 -45.37 -7.97
C LEU B 95 -0.35 -45.62 -7.54
N ASP B 96 -0.67 -45.27 -6.30
CA ASP B 96 -2.03 -45.43 -5.75
C ASP B 96 -3.10 -44.50 -6.36
N THR B 97 -2.68 -43.61 -7.25
CA THR B 97 -3.50 -42.47 -7.61
C THR B 97 -4.65 -42.81 -8.57
N ILE B 98 -5.84 -42.28 -8.28
CA ILE B 98 -7.00 -42.37 -9.15
C ILE B 98 -6.85 -41.44 -10.34
N ILE B 99 -7.15 -41.93 -11.53
CA ILE B 99 -7.09 -41.15 -12.76
C ILE B 99 -8.49 -40.80 -13.23
N LEU B 100 -8.77 -39.49 -13.40
CA LEU B 100 -10.06 -38.99 -13.93
C LEU B 100 -9.86 -38.45 -15.35
N SER B 101 -10.92 -38.07 -16.05
CA SER B 101 -10.69 -37.32 -17.29
C SER B 101 -11.84 -36.38 -17.63
N GLY B 102 -11.57 -35.44 -18.53
CA GLY B 102 -12.57 -34.49 -19.06
C GLY B 102 -13.28 -33.57 -18.08
N ASP B 103 -14.33 -32.92 -18.62
CA ASP B 103 -15.23 -32.09 -17.83
C ASP B 103 -15.62 -32.71 -16.51
N GLU B 104 -16.13 -33.93 -16.55
CA GLU B 104 -16.63 -34.66 -15.34
C GLU B 104 -15.57 -34.78 -14.27
N GLY B 105 -14.34 -35.03 -14.69
CA GLY B 105 -13.26 -35.28 -13.72
C GLY B 105 -12.86 -34.00 -13.01
N LEU B 106 -12.83 -32.93 -13.76
CA LEU B 106 -12.61 -31.60 -13.15
C LEU B 106 -13.65 -31.26 -12.08
N ILE B 107 -14.92 -31.55 -12.38
CA ILE B 107 -16.01 -31.24 -11.47
C ILE B 107 -15.92 -32.06 -10.21
N GLU B 108 -15.66 -33.35 -10.37
CA GLU B 108 -15.46 -34.22 -9.24
C GLU B 108 -14.38 -33.68 -8.31
N ILE B 109 -13.23 -33.28 -8.92
CA ILE B 109 -12.08 -32.81 -8.12
C ILE B 109 -12.44 -31.51 -7.46
N ALA B 110 -13.01 -30.58 -8.22
CA ALA B 110 -13.41 -29.32 -7.62
C ALA B 110 -14.51 -29.43 -6.55
N SER B 111 -15.39 -30.45 -6.61
CA SER B 111 -16.47 -30.54 -5.57
C SER B 111 -16.21 -31.57 -4.45
N ASP B 112 -15.06 -32.19 -4.53
CA ASP B 112 -14.66 -33.26 -3.62
C ASP B 112 -14.65 -32.76 -2.22
N GLU B 113 -15.26 -33.53 -1.31
CA GLU B 113 -15.36 -33.20 0.09
C GLU B 113 -14.00 -33.25 0.81
N ALA B 114 -13.03 -33.95 0.24
CA ALA B 114 -11.71 -34.04 0.89
C ALA B 114 -10.79 -32.84 0.55
N VAL B 115 -11.24 -31.98 -0.39
CA VAL B 115 -10.53 -30.80 -0.84
C VAL B 115 -11.00 -29.58 -0.10
N ASP B 116 -10.09 -28.82 0.52
CA ASP B 116 -10.44 -27.61 1.25
C ASP B 116 -10.25 -26.40 0.39
N THR B 117 -9.26 -26.42 -0.50
CA THR B 117 -8.88 -25.25 -1.26
C THR B 117 -8.65 -25.61 -2.71
N VAL B 118 -9.17 -24.81 -3.63
CA VAL B 118 -8.98 -25.07 -5.05
C VAL B 118 -8.23 -23.92 -5.69
N VAL B 119 -7.27 -24.23 -6.55
CA VAL B 119 -6.48 -23.26 -7.27
C VAL B 119 -6.88 -23.38 -8.73
N ALA B 120 -7.72 -22.47 -9.21
CA ALA B 120 -8.28 -22.53 -10.52
C ALA B 120 -7.34 -21.92 -11.48
N ALA B 121 -6.51 -22.74 -12.11
CA ALA B 121 -5.48 -22.25 -13.02
C ALA B 121 -5.65 -22.71 -14.40
N ILE B 122 -6.80 -23.31 -14.70
CA ILE B 122 -7.08 -23.72 -16.07
C ILE B 122 -7.44 -22.46 -16.83
N VAL B 123 -6.86 -22.28 -18.00
CA VAL B 123 -7.17 -21.11 -18.84
C VAL B 123 -8.14 -21.58 -19.88
N GLY B 124 -9.18 -20.82 -20.15
CA GLY B 124 -10.07 -21.08 -21.29
C GLY B 124 -11.46 -21.47 -20.79
N ALA B 125 -12.43 -21.45 -21.71
CA ALA B 125 -13.83 -21.71 -21.35
C ALA B 125 -14.02 -23.09 -20.73
N ALA B 126 -13.09 -24.02 -20.98
CA ALA B 126 -13.17 -25.38 -20.44
C ALA B 126 -13.03 -25.44 -18.92
N GLY B 127 -12.62 -24.32 -18.30
CA GLY B 127 -12.45 -24.25 -16.84
C GLY B 127 -13.66 -23.81 -16.02
N LEU B 128 -14.71 -23.30 -16.69
CA LEU B 128 -15.77 -22.62 -15.93
C LEU B 128 -16.52 -23.56 -15.04
N SER B 129 -16.77 -24.77 -15.53
CA SER B 129 -17.69 -25.67 -14.85
C SER B 129 -17.06 -26.07 -13.56
N SER B 130 -15.73 -26.20 -13.53
CA SER B 130 -15.05 -26.65 -12.28
C SER B 130 -14.93 -25.52 -11.26
N THR B 131 -14.71 -24.31 -11.74
CA THR B 131 -14.73 -23.16 -10.86
C THR B 131 -16.12 -22.97 -10.25
N LEU B 132 -17.17 -23.05 -11.09
CA LEU B 132 -18.55 -23.02 -10.57
C LEU B 132 -18.80 -24.11 -9.57
N ALA B 133 -18.26 -25.30 -9.84
CA ALA B 133 -18.37 -26.44 -8.91
C ALA B 133 -17.68 -26.20 -7.59
N ALA B 134 -16.44 -25.72 -7.65
CA ALA B 134 -15.77 -25.35 -6.40
C ALA B 134 -16.63 -24.37 -5.61
N ALA B 135 -17.22 -23.40 -6.31
CA ALA B 135 -18.11 -22.43 -5.69
C ALA B 135 -19.34 -23.06 -5.07
N GLY B 136 -19.98 -23.96 -5.83
CA GLY B 136 -21.15 -24.69 -5.41
C GLY B 136 -20.88 -25.46 -4.15
N ALA B 137 -19.67 -26.01 -4.04
CA ALA B 137 -19.32 -26.80 -2.85
C ALA B 137 -18.74 -26.01 -1.68
N GLY B 138 -18.80 -24.68 -1.70
CA GLY B 138 -18.23 -23.89 -0.58
C GLY B 138 -16.70 -23.84 -0.46
N LYS B 139 -15.97 -23.99 -1.56
CA LYS B 139 -14.53 -24.13 -1.42
C LYS B 139 -13.82 -22.78 -1.39
N ARG B 140 -12.67 -22.73 -0.75
CA ARG B 140 -11.76 -21.60 -0.90
C ARG B 140 -11.22 -21.72 -2.29
N ILE B 141 -11.24 -20.64 -3.06
CA ILE B 141 -10.81 -20.69 -4.41
C ILE B 141 -9.73 -19.66 -4.60
N LEU B 142 -8.60 -20.07 -5.15
CA LEU B 142 -7.56 -19.16 -5.47
C LEU B 142 -7.62 -19.02 -6.96
N LEU B 143 -8.16 -17.93 -7.41
CA LEU B 143 -8.54 -17.78 -8.79
C LEU B 143 -7.41 -17.31 -9.64
N ALA B 144 -7.10 -18.04 -10.70
CA ALA B 144 -5.93 -17.77 -11.53
C ALA B 144 -6.18 -17.98 -13.00
N ASN B 145 -7.38 -17.64 -13.42
CA ASN B 145 -7.68 -17.57 -14.84
C ASN B 145 -8.68 -16.43 -15.02
N LYS B 146 -8.65 -15.80 -16.17
CA LYS B 146 -9.48 -14.66 -16.40
C LYS B 146 -10.92 -15.04 -16.75
N GLU B 147 -11.10 -16.22 -17.36
CA GLU B 147 -12.40 -16.62 -17.90
C GLU B 147 -13.50 -16.75 -16.86
N SER B 148 -13.20 -17.30 -15.69
CA SER B 148 -14.22 -17.45 -14.65
C SER B 148 -15.08 -16.19 -14.47
N LEU B 149 -14.47 -15.02 -14.38
CA LEU B 149 -15.22 -13.83 -14.15
C LEU B 149 -15.48 -13.05 -15.45
N VAL B 150 -14.61 -13.14 -16.42
CA VAL B 150 -14.88 -12.44 -17.69
C VAL B 150 -16.13 -13.06 -18.38
N MET B 151 -16.19 -14.40 -18.35
CA MET B 151 -17.26 -15.12 -19.05
C MET B 151 -18.43 -15.43 -18.16
N ALA B 152 -18.18 -15.68 -16.87
CA ALA B 152 -19.24 -16.14 -15.92
C ALA B 152 -19.36 -15.31 -14.66
N GLY B 153 -19.00 -14.04 -14.82
CA GLY B 153 -19.02 -13.06 -13.76
C GLY B 153 -20.08 -13.17 -12.71
N ASP B 154 -21.35 -12.91 -13.08
CA ASP B 154 -22.44 -12.80 -12.07
C ASP B 154 -22.65 -14.16 -11.46
N LEU B 155 -22.53 -15.18 -12.31
CA LEU B 155 -22.88 -16.55 -11.91
C LEU B 155 -21.85 -16.99 -10.87
N VAL B 156 -20.57 -16.81 -11.18
CA VAL B 156 -19.55 -17.23 -10.23
C VAL B 156 -19.77 -16.53 -8.89
N ILE B 157 -19.94 -15.22 -8.92
CA ILE B 157 -20.02 -14.49 -7.65
C ILE B 157 -21.29 -14.87 -6.89
N LYS B 158 -22.43 -14.99 -7.58
CA LYS B 158 -23.70 -15.38 -6.94
C LYS B 158 -23.57 -16.74 -6.31
N THR B 159 -22.96 -17.66 -7.04
CA THR B 159 -22.83 -19.03 -6.57
C THR B 159 -21.95 -19.10 -5.33
N ALA B 160 -20.83 -18.37 -5.35
CA ALA B 160 -19.92 -18.33 -4.20
C ALA B 160 -20.59 -17.83 -2.93
N LYS B 161 -21.36 -16.74 -3.05
CA LYS B 161 -22.06 -16.14 -1.88
C LYS B 161 -23.06 -17.08 -1.31
N LYS B 162 -23.87 -17.65 -2.20
CA LYS B 162 -24.97 -18.50 -1.77
C LYS B 162 -24.44 -19.66 -0.92
N HIS B 163 -23.29 -20.21 -1.33
CA HIS B 163 -22.75 -21.42 -0.71
C HIS B 163 -21.56 -21.23 0.16
N GLY B 164 -21.06 -20.00 0.22
CA GLY B 164 -20.00 -19.63 1.15
C GLY B 164 -18.62 -20.06 0.67
N ALA B 165 -18.39 -20.04 -0.63
CA ALA B 165 -17.02 -20.11 -1.14
C ALA B 165 -16.34 -18.79 -0.81
N THR B 166 -15.01 -18.81 -0.77
CA THR B 166 -14.18 -17.63 -0.60
C THR B 166 -13.30 -17.48 -1.83
N ILE B 167 -13.30 -16.32 -2.46
CA ILE B 167 -12.47 -16.14 -3.62
C ILE B 167 -11.35 -15.21 -3.27
N LEU B 168 -10.15 -15.54 -3.74
CA LEU B 168 -8.94 -14.80 -3.48
C LEU B 168 -8.17 -14.77 -4.75
N PRO B 169 -7.98 -13.58 -5.32
CA PRO B 169 -7.36 -13.51 -6.61
C PRO B 169 -5.84 -13.71 -6.49
N ILE B 170 -5.25 -14.27 -7.55
CA ILE B 170 -3.82 -14.61 -7.60
C ILE B 170 -3.12 -13.78 -8.64
N ASP B 171 -3.83 -13.38 -9.69
CA ASP B 171 -3.21 -12.53 -10.67
C ASP B 171 -2.71 -11.31 -9.88
N SER B 172 -1.56 -10.86 -10.32
CA SER B 172 -0.76 -9.84 -9.65
C SER B 172 -1.50 -8.51 -9.35
N GLU B 173 -2.27 -8.01 -10.32
CA GLU B 173 -3.03 -6.78 -10.16
C GLU B 173 -4.15 -6.87 -9.16
N HIS B 174 -5.00 -7.86 -9.33
CA HIS B 174 -6.11 -8.06 -8.44
C HIS B 174 -5.68 -8.37 -7.01
N ASN B 175 -4.60 -9.13 -6.89
CA ASN B 175 -4.08 -9.48 -5.61
C ASN B 175 -3.52 -8.25 -4.89
N ALA B 176 -2.81 -7.37 -5.60
CA ALA B 176 -2.36 -6.08 -5.05
C ALA B 176 -3.52 -5.22 -4.56
N ILE B 177 -4.57 -5.14 -5.36
CA ILE B 177 -5.75 -4.39 -4.97
C ILE B 177 -6.34 -5.01 -3.73
N TYR B 178 -6.44 -6.32 -3.73
CA TYR B 178 -7.07 -7.02 -2.63
C TYR B 178 -6.25 -6.78 -1.32
N GLN B 179 -4.94 -6.67 -1.46
CA GLN B 179 -4.08 -6.52 -0.27
C GLN B 179 -4.26 -5.12 0.26
N CYS B 180 -4.59 -4.19 -0.64
CA CYS B 180 -4.68 -2.80 -0.32
C CYS B 180 -6.10 -2.34 0.09
N LEU B 181 -7.01 -3.28 0.33
CA LEU B 181 -8.38 -3.02 0.73
C LEU B 181 -8.57 -3.50 2.14
N PRO B 182 -9.34 -2.80 2.96
CA PRO B 182 -9.48 -3.17 4.37
C PRO B 182 -10.07 -4.54 4.52
N ALA B 183 -9.84 -5.14 5.69
CA ALA B 183 -10.25 -6.51 5.93
C ALA B 183 -11.73 -6.75 5.69
N ALA B 184 -12.59 -5.82 6.07
CA ALA B 184 -14.05 -6.06 5.92
C ALA B 184 -14.48 -6.18 4.45
N ILE B 185 -13.80 -5.43 3.59
CA ILE B 185 -14.09 -5.46 2.13
C ILE B 185 -13.43 -6.68 1.48
N GLN B 186 -12.24 -7.06 1.94
CA GLN B 186 -11.65 -8.37 1.58
C GLN B 186 -12.59 -9.53 1.84
N ALA B 187 -13.21 -9.53 3.02
CA ALA B 187 -14.08 -10.62 3.42
C ALA B 187 -15.45 -10.54 2.73
N ASP B 188 -16.00 -9.34 2.55
CA ASP B 188 -17.28 -9.18 1.85
C ASP B 188 -17.12 -8.05 0.85
N ASN B 189 -16.97 -8.38 -0.42
CA ASN B 189 -16.72 -7.38 -1.42
C ASN B 189 -17.86 -6.32 -1.58
N THR B 190 -19.07 -6.63 -1.11
CA THR B 190 -20.20 -5.65 -1.23
C THR B 190 -20.06 -4.52 -0.23
N ALA B 191 -19.23 -4.74 0.79
CA ALA B 191 -18.91 -3.69 1.74
C ALA B 191 -18.25 -2.48 1.10
N ILE B 192 -17.62 -2.64 -0.05
CA ILE B 192 -17.01 -1.51 -0.76
C ILE B 192 -17.98 -0.33 -1.01
N HIS B 193 -19.28 -0.60 -0.89
CA HIS B 193 -20.35 0.43 -1.00
C HIS B 193 -20.69 1.20 0.29
N HIS B 194 -20.39 0.67 1.47
N HIS B 194 -20.36 0.67 1.47
CA HIS B 194 -20.50 1.49 2.68
CA HIS B 194 -20.46 1.45 2.69
C HIS B 194 -19.45 2.61 2.60
C HIS B 194 -19.44 2.61 2.63
N THR B 195 -19.91 3.86 2.66
CA THR B 195 -19.04 5.03 2.46
C THR B 195 -17.95 5.25 3.51
N SER B 196 -18.17 4.75 4.72
CA SER B 196 -17.15 4.80 5.81
C SER B 196 -15.76 4.23 5.45
N TYR B 197 -15.68 3.22 4.58
CA TYR B 197 -14.39 2.64 4.17
C TYR B 197 -13.70 3.54 3.20
N GLY B 198 -14.48 4.42 2.60
CA GLY B 198 -13.94 5.55 1.85
C GLY B 198 -13.12 5.11 0.67
N ILE B 199 -13.58 4.07 -0.03
CA ILE B 199 -12.90 3.72 -1.28
C ILE B 199 -13.40 4.64 -2.35
N LYS B 200 -12.50 5.28 -3.06
CA LYS B 200 -12.87 6.18 -4.11
C LYS B 200 -12.82 5.55 -5.50
N LYS B 201 -11.68 4.95 -5.81
CA LYS B 201 -11.54 4.18 -7.06
C LYS B 201 -10.35 3.21 -7.04
N LEU B 202 -10.36 2.26 -7.96
CA LEU B 202 -9.25 1.33 -8.09
C LEU B 202 -8.44 1.74 -9.28
N TRP B 203 -7.16 1.42 -9.28
CA TRP B 203 -6.27 1.72 -10.37
C TRP B 203 -5.52 0.48 -10.75
N LEU B 204 -5.64 0.09 -12.02
CA LEU B 204 -4.88 -1.00 -12.56
C LEU B 204 -3.68 -0.42 -13.23
N THR B 205 -2.53 -0.99 -12.98
CA THR B 205 -1.33 -0.65 -13.77
C THR B 205 -1.10 -1.60 -14.93
N ALA B 206 -0.57 -1.06 -16.01
CA ALA B 206 -0.31 -1.79 -17.18
C ALA B 206 1.04 -1.40 -17.76
N SER B 207 1.86 -2.37 -18.17
CA SER B 207 3.16 -2.09 -18.74
C SER B 207 3.14 -1.41 -20.10
N GLY B 208 1.99 -1.40 -20.76
CA GLY B 208 1.89 -0.82 -22.11
C GLY B 208 2.39 -1.74 -23.19
N GLY B 209 2.72 -2.97 -22.83
CA GLY B 209 3.27 -3.95 -23.78
C GLY B 209 4.39 -3.47 -24.67
N SER B 210 4.77 -4.29 -25.64
CA SER B 210 5.96 -4.05 -26.46
C SER B 210 5.87 -2.96 -27.51
N PHE B 211 4.73 -2.31 -27.64
CA PHE B 211 4.65 -1.24 -28.62
C PHE B 211 4.30 0.11 -28.02
N LEU B 212 4.62 0.26 -26.74
CA LEU B 212 4.43 1.52 -26.05
C LEU B 212 5.15 2.66 -26.77
N ASP B 213 6.45 2.50 -27.03
CA ASP B 213 7.25 3.58 -27.60
C ASP B 213 7.23 3.62 -29.12
N LYS B 214 6.82 2.51 -29.73
CA LYS B 214 6.71 2.44 -31.18
C LYS B 214 5.43 3.12 -31.70
N SER B 215 5.43 3.44 -32.99
CA SER B 215 4.34 4.19 -33.60
C SER B 215 3.16 3.32 -33.98
N ILE B 216 2.04 4.01 -34.17
CA ILE B 216 0.83 3.42 -34.69
C ILE B 216 1.10 2.63 -35.99
N LYS B 217 2.03 3.11 -36.81
CA LYS B 217 2.38 2.47 -38.09
C LYS B 217 3.25 1.22 -37.93
N GLN B 218 4.13 1.21 -36.93
CA GLN B 218 5.01 0.05 -36.68
C GLN B 218 4.25 -1.08 -36.01
N MET B 219 3.07 -0.73 -35.48
CA MET B 219 2.22 -1.66 -34.74
C MET B 219 1.40 -2.53 -35.71
N GLN B 220 1.11 -2.00 -36.89
CA GLN B 220 0.47 -2.78 -37.93
C GLN B 220 1.35 -3.97 -38.41
N ASN B 221 2.50 -4.23 -37.75
CA ASN B 221 3.45 -5.31 -38.13
C ASN B 221 3.95 -6.24 -37.02
N ALA B 222 4.55 -7.34 -37.45
CA ALA B 222 4.63 -8.58 -36.68
C ALA B 222 6.07 -8.93 -36.37
N SER B 223 6.36 -10.04 -35.69
CA SER B 223 5.43 -10.94 -34.97
C SER B 223 6.16 -11.55 -33.78
N VAL B 224 7.43 -11.91 -33.98
CA VAL B 224 8.36 -12.11 -32.87
C VAL B 224 8.53 -10.79 -32.09
N LYS B 225 8.45 -9.67 -32.81
CA LYS B 225 8.43 -8.34 -32.21
C LYS B 225 7.26 -8.24 -31.23
N GLU B 226 6.05 -8.53 -31.71
CA GLU B 226 4.84 -8.51 -30.87
C GLU B 226 4.87 -9.50 -29.69
N ALA B 227 5.55 -10.63 -29.85
CA ALA B 227 5.67 -11.67 -28.83
C ALA B 227 6.79 -11.46 -27.77
N VAL B 228 7.76 -10.55 -28.05
CA VAL B 228 8.87 -10.17 -27.10
C VAL B 228 8.69 -8.74 -26.62
N MET B 235 6.19 -15.16 -19.43
CA MET B 235 4.94 -15.86 -19.81
C MET B 235 4.65 -15.89 -21.34
N GLY B 236 3.46 -16.39 -21.68
CA GLY B 236 3.17 -16.95 -23.00
C GLY B 236 2.97 -15.97 -24.13
N GLN B 237 2.73 -16.54 -25.32
CA GLN B 237 2.51 -15.77 -26.56
C GLN B 237 1.22 -15.00 -26.56
N LYS B 238 0.13 -15.71 -26.23
CA LYS B 238 -1.22 -15.12 -26.26
C LYS B 238 -1.27 -13.95 -25.30
N ILE B 239 -0.89 -14.22 -24.07
CA ILE B 239 -0.89 -13.25 -23.01
C ILE B 239 0.07 -12.09 -23.33
N SER B 240 1.16 -12.40 -23.98
CA SER B 240 2.11 -11.39 -24.42
C SER B 240 1.50 -10.49 -25.54
N ILE B 241 0.72 -11.12 -26.45
CA ILE B 241 -0.03 -10.38 -27.47
C ILE B 241 -1.10 -9.50 -26.78
N ASP B 242 -1.80 -10.08 -25.80
CA ASP B 242 -2.79 -9.33 -25.05
C ASP B 242 -2.18 -8.12 -24.33
N SER B 243 -0.93 -8.29 -23.88
CA SER B 243 -0.22 -7.18 -23.28
C SER B 243 0.06 -6.15 -24.33
N ALA B 244 0.55 -6.55 -25.49
CA ALA B 244 0.82 -5.55 -26.57
C ALA B 244 -0.38 -4.78 -27.13
N THR B 245 -1.58 -5.35 -27.01
CA THR B 245 -2.78 -4.67 -27.55
C THR B 245 -3.53 -3.95 -26.47
N MET B 246 -3.31 -4.45 -25.23
CA MET B 246 -3.90 -3.98 -24.00
C MET B 246 -5.23 -4.66 -23.76
N MET B 247 -5.52 -5.74 -24.48
CA MET B 247 -6.69 -6.52 -24.13
C MET B 247 -6.51 -7.12 -22.76
N ASN B 248 -5.30 -7.52 -22.39
CA ASN B 248 -5.11 -8.06 -21.00
C ASN B 248 -5.65 -7.15 -19.94
N LYS B 249 -5.38 -5.85 -20.06
CA LYS B 249 -5.86 -4.91 -19.07
C LYS B 249 -7.38 -4.70 -19.13
N GLY B 250 -7.97 -4.74 -20.33
CA GLY B 250 -9.43 -4.63 -20.44
C GLY B 250 -10.09 -5.83 -19.80
N LEU B 251 -9.46 -6.98 -19.98
CA LEU B 251 -9.99 -8.18 -19.37
C LEU B 251 -9.89 -8.04 -17.89
N GLU B 252 -8.73 -7.60 -17.41
CA GLU B 252 -8.58 -7.37 -15.95
C GLU B 252 -9.57 -6.34 -15.42
N LEU B 253 -9.82 -5.31 -16.21
CA LEU B 253 -10.92 -4.42 -15.87
C LEU B 253 -12.23 -5.15 -15.62
N ILE B 254 -12.63 -6.01 -16.56
CA ILE B 254 -13.94 -6.67 -16.45
C ILE B 254 -13.95 -7.57 -15.21
N GLU B 255 -12.84 -8.26 -14.99
CA GLU B 255 -12.67 -9.14 -13.80
C GLU B 255 -12.75 -8.37 -12.49
N ALA B 256 -12.08 -7.23 -12.45
CA ALA B 256 -12.11 -6.37 -11.27
C ALA B 256 -13.52 -5.90 -10.94
N CYS B 257 -14.32 -5.51 -11.97
CA CYS B 257 -15.72 -5.13 -11.66
C CYS B 257 -16.42 -6.21 -10.85
N HIS B 258 -16.26 -7.48 -11.25
CA HIS B 258 -16.87 -8.59 -10.50
C HIS B 258 -16.18 -8.88 -9.20
N LEU B 259 -14.85 -9.00 -9.22
CA LEU B 259 -14.08 -9.33 -7.98
C LEU B 259 -14.43 -8.37 -6.85
N PHE B 260 -14.33 -7.08 -7.12
CA PHE B 260 -14.51 -6.04 -6.09
C PHE B 260 -15.87 -5.28 -6.18
N ASP B 261 -16.81 -5.80 -6.98
CA ASP B 261 -18.20 -5.39 -6.93
C ASP B 261 -18.41 -3.91 -7.30
N LEU B 262 -17.75 -3.46 -8.35
CA LEU B 262 -17.86 -2.10 -8.83
C LEU B 262 -18.30 -2.11 -10.30
N LYS B 263 -18.55 -0.92 -10.85
CA LYS B 263 -18.78 -0.74 -12.27
C LYS B 263 -17.52 -0.10 -12.83
N GLU B 264 -17.40 -0.13 -14.14
CA GLU B 264 -16.16 0.12 -14.78
C GLU B 264 -15.59 1.53 -14.68
N HIS B 265 -16.49 2.50 -14.46
CA HIS B 265 -16.13 3.92 -14.43
C HIS B 265 -15.27 4.20 -13.19
N GLN B 266 -15.56 3.45 -12.14
CA GLN B 266 -14.83 3.41 -10.89
C GLN B 266 -13.45 2.70 -10.97
N ILE B 267 -12.99 2.31 -12.16
CA ILE B 267 -11.73 1.61 -12.24
C ILE B 267 -10.97 2.14 -13.38
N GLN B 268 -9.80 2.68 -13.08
CA GLN B 268 -9.03 3.40 -14.10
C GLN B 268 -7.72 2.74 -14.34
N VAL B 269 -7.06 3.12 -15.42
CA VAL B 269 -5.84 2.46 -15.78
C VAL B 269 -4.78 3.50 -15.93
N VAL B 270 -3.58 3.16 -15.47
CA VAL B 270 -2.39 3.99 -15.74
C VAL B 270 -1.37 3.08 -16.33
N ILE B 271 -0.60 3.57 -17.29
CA ILE B 271 0.48 2.83 -17.87
C ILE B 271 1.73 3.01 -16.96
N HIS B 272 2.52 1.98 -16.86
CA HIS B 272 3.59 1.91 -15.92
C HIS B 272 4.54 0.85 -16.44
N PRO B 273 5.45 1.22 -17.33
CA PRO B 273 6.27 0.22 -18.04
C PRO B 273 7.15 -0.69 -17.19
N ASN B 274 7.50 -0.22 -16.01
CA ASN B 274 8.41 -0.97 -15.14
C ASN B 274 7.72 -2.17 -14.51
N SER B 275 6.38 -2.13 -14.43
CA SER B 275 5.58 -3.10 -13.66
C SER B 275 6.01 -3.38 -12.21
N VAL B 276 6.59 -2.39 -11.51
CA VAL B 276 6.83 -2.55 -10.05
C VAL B 276 5.59 -2.33 -9.17
N VAL B 277 4.87 -1.25 -9.44
CA VAL B 277 3.59 -0.98 -8.81
C VAL B 277 2.52 -1.86 -9.49
N HIS B 278 1.93 -2.77 -8.73
CA HIS B 278 1.10 -3.75 -9.34
C HIS B 278 -0.33 -3.28 -9.51
N SER B 279 -0.67 -2.21 -8.79
CA SER B 279 -1.98 -1.59 -8.76
C SER B 279 -2.14 -0.81 -7.44
N LEU B 280 -3.17 0.03 -7.40
CA LEU B 280 -3.40 0.91 -6.30
C LEU B 280 -4.89 1.09 -6.03
N VAL B 281 -5.21 1.28 -4.74
CA VAL B 281 -6.49 1.71 -4.25
C VAL B 281 -6.43 3.16 -3.82
N GLU B 282 -7.29 4.00 -4.41
CA GLU B 282 -7.43 5.43 -4.00
C GLU B 282 -8.55 5.62 -2.96
N TYR B 283 -8.22 6.27 -1.85
CA TYR B 283 -9.19 6.52 -0.78
C TYR B 283 -9.60 8.00 -0.82
N VAL B 284 -10.75 8.30 -0.24
CA VAL B 284 -11.27 9.67 -0.29
C VAL B 284 -10.44 10.76 0.44
N ASP B 285 -9.48 10.39 1.30
CA ASP B 285 -8.61 11.41 1.90
C ASP B 285 -7.40 11.75 1.09
N GLY B 286 -7.30 11.13 -0.09
CA GLY B 286 -6.14 11.29 -0.92
C GLY B 286 -5.09 10.20 -0.79
N SER B 287 -5.27 9.28 0.15
CA SER B 287 -4.32 8.14 0.33
C SER B 287 -4.51 7.16 -0.80
N PHE B 288 -3.47 6.99 -1.61
CA PHE B 288 -3.31 5.86 -2.48
C PHE B 288 -2.50 4.72 -1.82
N LEU B 289 -3.12 3.60 -1.51
CA LEU B 289 -2.40 2.38 -1.08
C LEU B 289 -2.04 1.52 -2.27
N ALA B 290 -0.80 1.01 -2.28
CA ALA B 290 -0.28 0.24 -3.42
C ALA B 290 0.57 -0.96 -3.00
N GLN B 291 0.62 -1.99 -3.84
CA GLN B 291 1.52 -3.14 -3.65
C GLN B 291 2.61 -3.08 -4.71
N LEU B 292 3.86 -3.21 -4.22
CA LEU B 292 5.04 -3.24 -5.10
C LEU B 292 5.61 -4.61 -4.96
N GLY B 293 6.17 -5.12 -6.04
CA GLY B 293 6.71 -6.48 -6.05
C GLY B 293 7.58 -6.70 -7.27
N THR B 294 8.16 -7.90 -7.35
CA THR B 294 8.80 -8.35 -8.56
C THR B 294 7.75 -9.11 -9.39
N PRO B 295 8.10 -9.54 -10.59
CA PRO B 295 7.17 -10.38 -11.35
C PRO B 295 6.88 -11.77 -10.80
N ASP B 296 7.57 -12.23 -9.76
CA ASP B 296 7.48 -13.62 -9.31
C ASP B 296 6.11 -13.94 -8.68
N MET B 297 5.37 -14.81 -9.35
CA MET B 297 4.02 -15.16 -8.91
C MET B 297 3.97 -15.82 -7.57
N LYS B 298 5.11 -16.25 -7.03
CA LYS B 298 5.09 -16.81 -5.66
C LYS B 298 4.64 -15.76 -4.63
N THR B 299 4.84 -14.49 -4.93
CA THR B 299 4.38 -13.42 -3.99
C THR B 299 2.84 -13.43 -3.80
N PRO B 300 2.07 -13.20 -4.87
CA PRO B 300 0.63 -13.24 -4.73
C PRO B 300 0.07 -14.62 -4.29
N ILE B 301 0.69 -15.71 -4.73
CA ILE B 301 0.15 -17.04 -4.40
C ILE B 301 0.37 -17.33 -2.94
N ALA B 302 1.53 -16.93 -2.40
CA ALA B 302 1.80 -17.10 -1.00
C ALA B 302 0.82 -16.28 -0.14
N HIS B 303 0.50 -15.09 -0.60
CA HIS B 303 -0.44 -14.20 0.13
C HIS B 303 -1.81 -14.86 0.19
N ALA B 304 -2.30 -15.30 -0.98
CA ALA B 304 -3.60 -15.94 -1.09
C ALA B 304 -3.71 -17.24 -0.30
N LEU B 305 -2.63 -18.02 -0.31
CA LEU B 305 -2.59 -19.33 0.38
C LEU B 305 -2.69 -19.22 1.89
N ALA B 306 -1.95 -18.27 2.44
CA ALA B 306 -1.81 -18.18 3.85
C ALA B 306 -2.87 -17.25 4.45
N TYR B 307 -3.48 -16.38 3.63
CA TYR B 307 -4.52 -15.45 4.09
C TYR B 307 -5.40 -16.05 5.15
N PRO B 308 -5.66 -15.36 6.26
CA PRO B 308 -5.19 -14.00 6.55
C PRO B 308 -3.73 -13.88 6.99
N GLU B 309 -3.06 -15.01 7.19
CA GLU B 309 -1.68 -15.00 7.65
C GLU B 309 -0.79 -14.76 6.47
N ARG B 310 0.49 -14.57 6.75
CA ARG B 310 1.52 -14.41 5.75
C ARG B 310 2.55 -15.48 6.01
N ILE B 311 3.30 -15.85 4.97
CA ILE B 311 4.36 -16.85 5.05
C ILE B 311 5.47 -16.50 4.05
N LYS B 312 6.65 -17.00 4.34
CA LYS B 312 7.80 -16.88 3.44
C LYS B 312 7.43 -17.51 2.10
N SER B 313 7.83 -16.89 1.03
CA SER B 313 7.37 -17.30 -0.24
C SER B 313 8.51 -17.79 -1.10
N GLY B 314 9.74 -17.49 -0.70
CA GLY B 314 10.92 -17.97 -1.39
C GLY B 314 11.32 -17.11 -2.56
N VAL B 315 10.83 -15.87 -2.66
CA VAL B 315 11.22 -15.01 -3.80
C VAL B 315 12.46 -14.23 -3.44
N MET B 316 13.20 -13.79 -4.47
CA MET B 316 14.22 -12.73 -4.37
C MET B 316 13.45 -11.42 -4.21
N PRO B 317 13.53 -10.76 -3.02
CA PRO B 317 12.71 -9.58 -2.79
C PRO B 317 13.08 -8.45 -3.70
N LEU B 318 12.10 -7.63 -4.05
CA LEU B 318 12.34 -6.45 -4.82
C LEU B 318 13.42 -5.62 -4.14
N ASP B 319 14.37 -5.13 -4.94
CA ASP B 319 15.43 -4.33 -4.41
C ASP B 319 15.19 -2.84 -4.61
N LEU B 320 14.80 -2.14 -3.53
CA LEU B 320 14.41 -0.73 -3.67
C LEU B 320 15.51 0.19 -4.12
N TYR B 321 16.75 -0.23 -3.88
CA TYR B 321 17.92 0.51 -4.34
C TYR B 321 18.26 0.41 -5.81
N GLN B 322 17.68 -0.54 -6.54
CA GLN B 322 18.00 -0.70 -7.98
C GLN B 322 16.79 -0.50 -8.90
N LEU B 323 15.81 0.29 -8.50
CA LEU B 323 14.67 0.56 -9.36
C LEU B 323 14.95 1.65 -10.39
N GLY B 324 16.02 2.42 -10.17
CA GLY B 324 16.28 3.57 -11.04
C GLY B 324 15.01 4.44 -11.01
N SER B 325 14.23 4.46 -12.12
CA SER B 325 13.03 5.29 -12.15
C SER B 325 11.73 4.65 -12.70
N LEU B 326 10.68 4.73 -11.89
CA LEU B 326 9.37 4.20 -12.22
C LEU B 326 8.54 5.22 -13.01
N LYS B 327 8.34 4.96 -14.30
CA LYS B 327 7.61 5.88 -15.17
C LYS B 327 6.12 5.56 -15.11
N PHE B 328 5.30 6.62 -15.14
CA PHE B 328 3.86 6.52 -15.20
C PHE B 328 3.36 7.49 -16.31
N LEU B 329 2.37 7.09 -17.10
CA LEU B 329 1.69 7.98 -18.05
C LEU B 329 0.27 7.52 -18.35
N ALA B 330 -0.52 8.41 -18.91
CA ALA B 330 -1.88 8.05 -19.30
C ALA B 330 -1.90 7.08 -20.52
N PRO B 331 -2.84 6.15 -20.47
CA PRO B 331 -3.00 5.24 -21.62
C PRO B 331 -3.46 6.00 -22.85
N ASP B 332 -2.73 5.80 -23.95
CA ASP B 332 -3.07 6.28 -25.28
C ASP B 332 -4.22 5.41 -25.83
N LEU B 333 -5.47 5.82 -25.58
CA LEU B 333 -6.62 5.00 -25.99
C LEU B 333 -6.83 4.84 -27.53
N ASP B 334 -6.20 5.68 -28.36
CA ASP B 334 -6.33 5.51 -29.80
C ASP B 334 -5.52 4.30 -30.18
N LYS B 335 -4.25 4.28 -29.84
CA LYS B 335 -3.42 3.06 -29.99
C LYS B 335 -3.99 1.84 -29.25
N PHE B 336 -4.56 2.02 -28.06
CA PHE B 336 -4.97 0.89 -27.25
C PHE B 336 -6.48 0.59 -27.27
N ALA B 337 -7.02 0.55 -28.48
CA ALA B 337 -8.47 0.41 -28.73
C ALA B 337 -9.11 -0.78 -28.01
N CYS B 338 -8.39 -1.89 -27.92
CA CYS B 338 -8.93 -3.03 -27.17
C CYS B 338 -9.38 -2.59 -25.78
N LEU B 339 -8.68 -1.63 -25.17
CA LEU B 339 -9.07 -1.18 -23.83
C LEU B 339 -10.39 -0.41 -23.81
N LYS B 340 -10.57 0.47 -24.78
CA LYS B 340 -11.89 1.17 -24.96
C LYS B 340 -13.00 0.16 -25.20
N LEU B 341 -12.70 -0.90 -25.97
CA LEU B 341 -13.69 -1.96 -26.35
C LEU B 341 -14.10 -2.72 -25.15
N ALA B 342 -13.13 -3.03 -24.29
CA ALA B 342 -13.42 -3.85 -23.14
C ALA B 342 -14.30 -3.12 -22.15
N ARG B 343 -14.07 -1.81 -22.05
CA ARG B 343 -14.84 -0.97 -21.14
C ARG B 343 -16.24 -0.86 -21.69
N TYR B 344 -16.34 -0.73 -23.01
CA TYR B 344 -17.65 -0.76 -23.72
C TYR B 344 -18.31 -2.09 -23.42
N ALA B 345 -17.57 -3.17 -23.49
CA ALA B 345 -18.18 -4.47 -23.16
C ALA B 345 -18.66 -4.55 -21.74
N ALA B 346 -17.85 -4.03 -20.80
CA ALA B 346 -18.22 -4.07 -19.37
C ALA B 346 -19.52 -3.30 -19.10
N ARG B 347 -19.76 -2.25 -19.89
CA ARG B 347 -21.00 -1.46 -19.71
C ARG B 347 -22.23 -2.32 -20.08
N LEU B 348 -22.12 -3.13 -21.15
CA LEU B 348 -23.27 -3.89 -21.67
C LEU B 348 -23.62 -5.11 -20.90
N GLY B 349 -22.61 -5.83 -20.42
CA GLY B 349 -22.93 -6.92 -19.50
C GLY B 349 -22.34 -8.19 -19.98
N THR B 350 -22.82 -9.28 -19.40
CA THR B 350 -22.11 -10.55 -19.47
C THR B 350 -22.00 -11.08 -20.88
N GLY B 351 -23.00 -10.77 -21.69
CA GLY B 351 -23.02 -11.19 -23.06
C GLY B 351 -21.93 -10.58 -23.88
N ALA B 352 -21.81 -9.26 -23.86
CA ALA B 352 -20.75 -8.62 -24.63
C ALA B 352 -19.36 -8.92 -24.10
N CYS B 353 -19.23 -9.21 -22.81
CA CYS B 353 -17.93 -9.60 -22.25
C CYS B 353 -17.56 -10.99 -22.82
N ILE B 354 -18.53 -11.91 -22.85
CA ILE B 354 -18.33 -13.23 -23.51
C ILE B 354 -17.88 -13.03 -24.91
N ALA B 355 -18.54 -12.14 -25.62
CA ALA B 355 -18.17 -11.89 -27.00
C ALA B 355 -16.84 -11.26 -27.13
N LEU B 356 -16.57 -10.23 -26.34
CA LEU B 356 -15.25 -9.57 -26.35
C LEU B 356 -14.15 -10.58 -26.28
N ASN B 357 -14.25 -11.46 -25.30
CA ASN B 357 -13.18 -12.40 -25.03
C ASN B 357 -12.97 -13.49 -26.07
N THR B 358 -14.08 -14.09 -26.50
CA THR B 358 -14.04 -15.19 -27.46
C THR B 358 -13.50 -14.67 -28.79
N ALA B 359 -13.92 -13.49 -29.16
CA ALA B 359 -13.46 -12.86 -30.34
C ALA B 359 -11.97 -12.57 -30.27
N ASN B 360 -11.50 -12.14 -29.10
CA ASN B 360 -10.07 -11.85 -28.92
C ASN B 360 -9.25 -13.11 -29.10
N GLU B 361 -9.74 -14.18 -28.48
CA GLU B 361 -9.17 -15.51 -28.63
C GLU B 361 -8.94 -15.85 -30.09
N ILE B 362 -10.02 -15.84 -30.87
CA ILE B 362 -9.91 -16.16 -32.30
C ILE B 362 -9.00 -15.19 -33.00
N ALA B 363 -9.10 -13.91 -32.66
CA ALA B 363 -8.33 -12.89 -33.39
C ALA B 363 -6.81 -13.00 -33.07
N VAL B 364 -6.48 -13.40 -31.84
CA VAL B 364 -5.08 -13.53 -31.41
C VAL B 364 -4.45 -14.76 -32.10
N GLU B 365 -5.09 -15.92 -32.00
CA GLU B 365 -4.71 -17.12 -32.82
C GLU B 365 -4.38 -16.79 -34.28
N ALA B 366 -5.25 -15.97 -34.84
CA ALA B 366 -5.13 -15.54 -36.22
C ALA B 366 -3.85 -14.79 -36.50
N PHE B 367 -3.53 -13.84 -35.61
CA PHE B 367 -2.32 -13.06 -35.72
C PHE B 367 -1.13 -13.96 -35.56
N LEU B 368 -1.19 -14.84 -34.55
CA LEU B 368 -0.09 -15.78 -34.27
C LEU B 368 0.15 -16.73 -35.44
N ALA B 369 -0.93 -17.15 -36.11
CA ALA B 369 -0.80 -17.93 -37.32
C ALA B 369 -0.59 -17.05 -38.57
N GLU B 370 -0.34 -15.76 -38.39
CA GLU B 370 0.02 -14.83 -39.48
C GLU B 370 -1.06 -14.58 -40.52
N LYS B 371 -2.31 -14.72 -40.10
CA LYS B 371 -3.48 -14.40 -40.94
C LYS B 371 -3.89 -12.91 -40.85
N ILE B 372 -3.60 -12.22 -39.74
CA ILE B 372 -3.94 -10.77 -39.67
C ILE B 372 -2.77 -9.89 -39.20
N CYS B 373 -2.96 -8.59 -39.32
CA CYS B 373 -2.10 -7.60 -38.67
C CYS B 373 -2.45 -7.48 -37.20
N LEU B 374 -1.50 -7.03 -36.38
CA LEU B 374 -1.74 -6.85 -34.92
C LEU B 374 -2.90 -5.93 -34.63
N THR B 375 -2.97 -4.84 -35.38
CA THR B 375 -4.05 -3.90 -35.21
C THR B 375 -5.42 -4.44 -35.63
N ASP B 376 -5.49 -5.56 -36.36
CA ASP B 376 -6.80 -6.07 -36.75
C ASP B 376 -7.47 -6.75 -35.58
N ILE B 377 -6.70 -7.14 -34.58
CA ILE B 377 -7.31 -7.76 -33.42
C ILE B 377 -8.49 -6.96 -32.92
N ALA B 378 -8.30 -5.65 -32.79
CA ALA B 378 -9.36 -4.76 -32.32
C ALA B 378 -10.53 -4.57 -33.34
N VAL B 379 -10.18 -4.43 -34.61
CA VAL B 379 -11.17 -4.40 -35.70
C VAL B 379 -12.13 -5.57 -35.60
N ILE B 380 -11.55 -6.77 -35.43
CA ILE B 380 -12.31 -8.02 -35.39
C ILE B 380 -13.19 -8.03 -34.15
N VAL B 381 -12.59 -7.75 -32.99
CA VAL B 381 -13.34 -7.76 -31.73
C VAL B 381 -14.53 -6.77 -31.77
N LYS B 382 -14.27 -5.59 -32.30
CA LYS B 382 -15.31 -4.57 -32.42
C LYS B 382 -16.46 -5.15 -33.29
N ALA B 383 -16.11 -5.60 -34.48
CA ALA B 383 -17.09 -6.21 -35.38
C ALA B 383 -18.02 -7.22 -34.66
N CYS B 384 -17.48 -8.02 -33.77
CA CYS B 384 -18.28 -9.04 -33.11
C CYS B 384 -19.18 -8.46 -32.02
N LEU B 385 -18.68 -7.44 -31.32
CA LEU B 385 -19.46 -6.77 -30.27
C LEU B 385 -20.68 -6.14 -30.92
N ASP B 386 -20.47 -5.53 -32.08
CA ASP B 386 -21.51 -4.83 -32.83
C ASP B 386 -22.47 -5.76 -33.64
N ASP B 387 -22.01 -6.92 -34.09
CA ASP B 387 -22.83 -7.87 -34.84
C ASP B 387 -24.22 -8.08 -34.27
N LYS B 388 -25.22 -7.91 -35.15
CA LYS B 388 -26.66 -7.99 -34.81
C LYS B 388 -26.98 -9.39 -34.30
N THR B 389 -26.33 -10.36 -34.97
CA THR B 389 -26.46 -11.76 -34.59
C THR B 389 -26.05 -12.00 -33.14
N ILE B 390 -24.94 -11.40 -32.73
CA ILE B 390 -24.44 -11.61 -31.36
C ILE B 390 -25.36 -10.89 -30.34
N ALA B 391 -25.71 -9.63 -30.64
CA ALA B 391 -26.54 -8.80 -29.73
C ALA B 391 -27.87 -9.39 -29.29
N GLN B 392 -28.51 -10.18 -30.14
CA GLN B 392 -29.81 -10.70 -29.75
C GLN B 392 -29.71 -11.53 -28.45
N ASP B 393 -28.52 -12.03 -28.16
CA ASP B 393 -28.27 -12.89 -27.01
C ASP B 393 -27.77 -12.13 -25.78
N TYR B 394 -27.41 -10.86 -25.92
CA TYR B 394 -27.04 -10.09 -24.72
C TYR B 394 -28.11 -10.12 -23.65
N SER B 395 -29.36 -9.90 -24.04
CA SER B 395 -30.43 -9.73 -23.06
C SER B 395 -30.74 -11.00 -22.29
N GLN B 396 -30.11 -12.11 -22.65
CA GLN B 396 -30.24 -13.36 -21.88
C GLN B 396 -29.82 -13.31 -20.40
N ASP B 397 -30.41 -14.17 -19.58
CA ASP B 397 -30.07 -14.25 -18.17
C ASP B 397 -28.87 -15.21 -17.97
N PHE B 398 -27.68 -14.71 -18.31
CA PHE B 398 -26.44 -15.47 -18.09
C PHE B 398 -26.12 -15.76 -16.61
N GLY B 399 -26.80 -15.08 -15.69
CA GLY B 399 -26.60 -15.32 -14.25
C GLY B 399 -27.47 -16.38 -13.66
N ASP B 400 -28.23 -17.08 -14.49
CA ASP B 400 -29.25 -18.00 -13.98
C ASP B 400 -28.65 -19.24 -13.37
N GLU B 401 -29.04 -19.54 -12.13
CA GLU B 401 -28.64 -20.75 -11.41
C GLU B 401 -28.61 -21.97 -12.33
N VAL B 402 -29.66 -22.15 -13.14
CA VAL B 402 -29.88 -23.41 -13.83
C VAL B 402 -29.40 -23.45 -15.27
N LEU B 403 -29.67 -22.42 -16.05
CA LEU B 403 -29.23 -22.42 -17.48
C LEU B 403 -28.07 -21.46 -17.75
N GLY B 404 -27.55 -20.83 -16.70
CA GLY B 404 -26.49 -19.85 -16.89
C GLY B 404 -25.32 -20.39 -17.70
N LEU B 405 -24.77 -21.50 -17.24
CA LEU B 405 -23.56 -22.02 -17.86
C LEU B 405 -23.80 -22.42 -19.31
N GLU B 406 -24.89 -23.18 -19.57
CA GLU B 406 -25.26 -23.54 -20.97
C GLU B 406 -25.26 -22.34 -21.90
N ARG B 407 -25.92 -21.28 -21.46
CA ARG B 407 -26.06 -20.07 -22.28
C ARG B 407 -24.72 -19.37 -22.54
N ILE B 408 -23.80 -19.43 -21.55
CA ILE B 408 -22.43 -18.86 -21.71
C ILE B 408 -21.67 -19.65 -22.79
N LEU B 409 -21.61 -20.96 -22.62
CA LEU B 409 -20.87 -21.81 -23.57
C LEU B 409 -21.49 -21.77 -24.96
N THR B 410 -22.81 -21.71 -25.01
CA THR B 410 -23.47 -21.55 -26.31
C THR B 410 -23.02 -20.24 -26.97
N MET B 411 -22.99 -19.18 -26.16
CA MET B 411 -22.57 -17.88 -26.66
C MET B 411 -21.11 -17.92 -27.15
N ASP B 412 -20.23 -18.52 -26.34
CA ASP B 412 -18.84 -18.75 -26.76
C ASP B 412 -18.76 -19.46 -28.12
N LYS B 413 -19.50 -20.56 -28.25
CA LYS B 413 -19.53 -21.37 -29.50
C LYS B 413 -19.94 -20.50 -30.68
N LYS B 414 -21.02 -19.72 -30.49
CA LYS B 414 -21.52 -18.80 -31.50
C LYS B 414 -20.48 -17.75 -31.94
N VAL B 415 -19.82 -17.11 -30.98
CA VAL B 415 -18.86 -16.06 -31.32
C VAL B 415 -17.61 -16.57 -32.06
N ARG B 416 -17.11 -17.77 -31.75
CA ARG B 416 -16.02 -18.36 -32.58
C ARG B 416 -16.43 -18.44 -34.02
N LYS B 417 -17.66 -18.92 -34.25
CA LYS B 417 -18.16 -19.04 -35.65
C LYS B 417 -18.08 -17.67 -36.28
N ILE B 418 -18.63 -16.66 -35.60
CA ILE B 418 -18.75 -15.35 -36.23
C ILE B 418 -17.38 -14.71 -36.41
N ALA B 419 -16.57 -14.75 -35.33
CA ALA B 419 -15.22 -14.23 -35.36
C ALA B 419 -14.43 -14.89 -36.48
N THR B 420 -14.49 -16.20 -36.58
CA THR B 420 -13.82 -16.89 -37.70
C THR B 420 -14.25 -16.34 -39.06
N ALA B 421 -15.57 -16.24 -39.25
CA ALA B 421 -16.12 -15.60 -40.46
C ALA B 421 -15.56 -14.20 -40.66
N LYS B 422 -15.62 -13.41 -39.59
CA LYS B 422 -15.11 -12.05 -39.69
C LYS B 422 -13.66 -12.00 -40.19
N ILE B 423 -12.81 -12.91 -39.73
CA ILE B 423 -11.41 -12.88 -40.13
C ILE B 423 -11.30 -13.15 -41.63
N LYS B 424 -12.10 -14.12 -42.05
CA LYS B 424 -12.20 -14.46 -43.47
C LYS B 424 -12.55 -13.23 -44.33
N LEU B 425 -13.61 -12.54 -43.93
CA LEU B 425 -14.13 -11.41 -44.70
C LEU B 425 -13.16 -10.24 -44.69
N LEU B 426 -12.44 -10.07 -43.57
CA LEU B 426 -11.50 -8.97 -43.43
C LEU B 426 -10.42 -9.05 -44.49
N LYS B 427 -9.89 -10.25 -44.66
CA LYS B 427 -8.77 -10.50 -45.57
C LYS B 427 -9.01 -10.08 -47.02
N GLN B 428 -10.26 -10.26 -47.48
CA GLN B 428 -10.64 -9.87 -48.83
C GLN B 428 -11.04 -8.39 -48.91
N GLY B 429 -11.64 -7.88 -47.83
CA GLY B 429 -11.82 -6.43 -47.66
C GLY B 429 -13.27 -5.99 -47.57
N ASP B 430 -14.05 -6.66 -46.72
CA ASP B 430 -15.51 -6.47 -46.64
C ASP B 430 -15.95 -5.84 -45.30
#